data_1FEP
#
_entry.id   1FEP
#
_cell.length_a   112.300
_cell.length_b   127.600
_cell.length_c   135.700
_cell.angle_alpha   90.00
_cell.angle_beta   90.00
_cell.angle_gamma   90.00
#
_symmetry.space_group_name_H-M   'C 2 2 21'
#
loop_
_entity.id
_entity.type
_entity.pdbx_description
1 polymer 'FERRIC ENTEROBACTIN RECEPTOR'
2 water water
#
_entity_poly.entity_id   1
_entity_poly.type   'polypeptide(L)'
_entity_poly.pdbx_seq_one_letter_code
;QEPTDTPVSHDDTIVVTAAEQNLQAPGVSTITADEIRKNPVARDVSKIIRT(MSE)PGVNLTGNSTSGQRGNNRQIDIRG
(MSE)GPENTLILIDGKPVSSRNSVRQGWRGERDTRGDTSWVPPE(MSE)IERIEVLRGPAAARYGNGAAGGVVNIITKK
GSGEWHGSWDAYFNAPEHKEEGATKRTNFSLTGPLGDEFSFRLYGNLDKTQADAWDINQGHQSARAGTYATTLPAGREGV
INKDINGVVRWDFAPLQSLELEAGYSRQGNLYAGDTQNTNSDSYTRSKYGDETNRLYRQNYALTWNGGWDNGVTTSNWVQ
YEHTRNSRIPEGLAGGTEGKFNEKATQDFVDIDLDDV(MSE)LHSEVNLPIDFLVNQTLTLGTEWNQQR(MSE)KDLSSN
TQALTGTNTGGAIDGVSTTDRSPYSKAEIFSLFAENN(MSE)ELTDSTIVTPGLRFDHHSIVGNNWSPALNISQGLGDDF
TLK(MSE)GIARAYKAPSLYQTNPNYILYSKGQGCYASAGGCYLQGNDDLKAETSINKEIGLEFKRDGWLAGVTWFRNDY
RNKIEAGYVAVGQNAVGTDLYQWDNVPKAVVEGLEGSLNVPVSETV(MSE)WTNNITY(MSE)LKSENKTTGDRLSIIPE
YTLNSTLSWQAREDLS(MSE)QTTFTWYGKQQPKKYNYKGQPAVGPETKEISPYSIVGLSATWDVTKNVSLTGGVDNLFD
KRLWRAGNAQTTGDLAGANYIAGAGAYTYNEPGRTWY(MSE)SVNTHF
;
_entity_poly.pdbx_strand_id   A
#
# COMPACT_ATOMS: atom_id res chain seq x y z
N ASP A 11 -29.35 24.14 21.71
CA ASP A 11 -27.86 23.99 21.69
C ASP A 11 -27.51 23.62 20.26
N ASP A 12 -26.46 24.25 19.72
CA ASP A 12 -26.02 23.99 18.35
C ASP A 12 -24.65 23.31 18.24
N THR A 13 -24.19 22.65 19.31
CA THR A 13 -22.90 21.97 19.17
C THR A 13 -23.08 20.60 18.53
N ILE A 14 -22.91 20.51 17.23
CA ILE A 14 -23.02 19.21 16.59
C ILE A 14 -21.80 18.35 16.93
N VAL A 15 -21.99 17.04 16.93
CA VAL A 15 -20.93 16.10 17.20
C VAL A 15 -20.36 15.69 15.83
N VAL A 16 -19.04 15.51 15.74
CA VAL A 16 -18.44 15.12 14.46
C VAL A 16 -18.87 13.67 14.07
N THR A 17 -18.78 13.33 12.79
CA THR A 17 -19.15 11.97 12.38
C THR A 17 -18.14 10.99 12.93
N ALA A 18 -18.54 9.72 12.95
CA ALA A 18 -17.73 8.62 13.42
C ALA A 18 -16.48 8.55 12.58
N ALA A 19 -16.61 8.80 11.29
CA ALA A 19 -15.43 8.74 10.46
C ALA A 19 -14.43 9.84 10.88
N GLU A 20 -14.93 11.03 11.15
CA GLU A 20 -14.00 12.08 11.52
C GLU A 20 -13.37 11.76 12.87
N GLN A 21 -14.17 11.27 13.80
CA GLN A 21 -13.71 10.90 15.14
C GLN A 21 -12.58 9.90 15.03
N ASN A 22 -12.81 8.87 14.22
CA ASN A 22 -11.79 7.85 14.00
C ASN A 22 -10.42 8.41 13.53
N LEU A 23 -10.35 9.58 12.92
CA LEU A 23 -9.06 10.06 12.49
C LEU A 23 -8.27 10.41 13.73
N GLN A 24 -8.94 10.37 14.86
CA GLN A 24 -8.24 10.67 16.08
C GLN A 24 -7.82 9.42 16.79
N ALA A 25 -8.00 8.27 16.16
CA ALA A 25 -7.62 7.02 16.83
C ALA A 25 -6.09 6.95 17.04
N PRO A 26 -5.66 6.24 18.05
CA PRO A 26 -4.22 6.21 18.23
C PRO A 26 -3.41 5.64 17.07
N GLY A 27 -4.05 4.84 16.21
CA GLY A 27 -3.35 4.24 15.08
C GLY A 27 -3.56 4.94 13.72
N VAL A 28 -3.79 6.25 13.78
CA VAL A 28 -4.00 7.08 12.60
C VAL A 28 -2.91 8.17 12.54
N SER A 29 -2.36 8.39 11.37
CA SER A 29 -1.34 9.39 11.18
C SER A 29 -1.72 10.18 9.93
N THR A 30 -1.32 11.44 9.90
CA THR A 30 -1.60 12.28 8.76
C THR A 30 -0.27 12.85 8.27
N ILE A 31 -0.13 13.03 6.97
CA ILE A 31 1.09 13.60 6.40
C ILE A 31 0.47 14.69 5.57
N THR A 32 1.07 15.87 5.67
CA THR A 32 0.60 17.07 5.02
C THR A 32 1.26 17.37 3.73
N ALA A 33 0.67 18.29 2.96
CA ALA A 33 1.28 18.66 1.67
C ALA A 33 2.61 19.30 1.99
N ASP A 34 2.63 20.09 3.06
CA ASP A 34 3.88 20.68 3.45
C ASP A 34 4.98 19.66 3.72
N GLU A 35 4.65 18.61 4.48
CA GLU A 35 5.60 17.55 4.73
C GLU A 35 6.06 16.97 3.39
N ILE A 36 5.12 16.77 2.46
CA ILE A 36 5.43 16.18 1.18
C ILE A 36 6.31 17.12 0.38
N ARG A 37 6.01 18.39 0.41
CA ARG A 37 6.86 19.32 -0.32
C ARG A 37 8.33 19.37 0.16
N LYS A 38 8.60 19.18 1.47
CA LYS A 38 9.96 19.24 2.02
C LYS A 38 10.72 17.95 1.95
N ASN A 39 10.01 16.87 1.66
CA ASN A 39 10.64 15.54 1.52
C ASN A 39 10.27 15.03 0.11
N PRO A 40 10.90 15.59 -0.93
CA PRO A 40 10.60 15.20 -2.31
C PRO A 40 10.71 13.69 -2.56
N VAL A 41 9.69 13.16 -3.15
CA VAL A 41 9.72 11.76 -3.39
C VAL A 41 10.28 11.50 -4.76
N ALA A 42 11.03 10.41 -4.88
CA ALA A 42 11.61 10.01 -6.14
C ALA A 42 10.58 9.17 -6.91
N ARG A 43 10.68 7.86 -6.85
CA ARG A 43 9.78 7.01 -7.63
C ARG A 43 8.44 6.60 -7.04
N ASP A 44 8.26 6.79 -5.72
CA ASP A 44 6.99 6.43 -5.02
C ASP A 44 6.78 7.13 -3.67
N VAL A 45 5.59 7.63 -3.47
CA VAL A 45 5.24 8.32 -2.27
C VAL A 45 5.24 7.39 -1.03
N SER A 46 5.30 6.08 -1.24
CA SER A 46 5.36 5.18 -0.11
C SER A 46 6.69 5.42 0.64
N LYS A 47 7.59 6.19 0.05
CA LYS A 47 8.82 6.46 0.73
C LYS A 47 8.54 7.36 1.93
N ILE A 48 7.51 8.18 1.85
CA ILE A 48 7.22 9.00 2.98
C ILE A 48 6.18 8.26 3.84
N ILE A 49 5.24 7.53 3.21
CA ILE A 49 4.22 6.80 4.00
C ILE A 49 4.87 5.82 4.99
N ARG A 50 5.94 5.14 4.56
CA ARG A 50 6.62 4.16 5.45
C ARG A 50 7.34 4.77 6.72
N THR A 51 7.47 6.09 6.83
CA THR A 51 8.10 6.71 8.03
C THR A 51 7.03 6.93 9.10
N PRO A 53 4.60 5.53 12.13
CA PRO A 53 4.80 4.39 13.04
C PRO A 53 3.88 3.25 12.55
N GLY A 54 4.32 2.00 12.72
CA GLY A 54 3.55 0.83 12.37
C GLY A 54 3.42 0.51 10.89
N VAL A 55 4.34 1.06 10.11
CA VAL A 55 4.34 0.90 8.66
C VAL A 55 5.70 0.49 8.17
N ASN A 56 5.72 -0.45 7.24
CA ASN A 56 6.98 -0.98 6.68
C ASN A 56 6.92 -1.08 5.17
N LEU A 57 8.08 -1.27 4.57
CA LEU A 57 8.13 -1.38 3.13
C LEU A 57 8.65 -2.78 2.94
N THR A 58 7.86 -3.63 2.29
CA THR A 58 8.32 -4.99 2.15
C THR A 58 7.73 -5.72 0.92
N GLY A 59 8.35 -6.83 0.55
CA GLY A 59 7.90 -7.54 -0.61
C GLY A 59 6.58 -8.23 -0.40
N ASN A 60 5.89 -8.50 -1.50
CA ASN A 60 4.64 -9.23 -1.46
C ASN A 60 4.71 -10.63 -0.89
N SER A 61 5.82 -11.29 -1.11
CA SER A 61 5.96 -12.67 -0.64
C SER A 61 7.09 -12.86 0.37
N THR A 62 6.83 -13.61 1.43
CA THR A 62 7.88 -13.85 2.41
C THR A 62 8.94 -14.85 1.88
N SER A 63 8.74 -15.30 0.64
CA SER A 63 9.70 -16.24 -0.01
C SER A 63 10.84 -15.42 -0.59
N GLY A 64 10.65 -14.11 -0.68
CA GLY A 64 11.72 -13.28 -1.23
C GLY A 64 11.63 -13.10 -2.72
N GLN A 65 10.62 -13.70 -3.32
CA GLN A 65 10.43 -13.59 -4.75
C GLN A 65 9.90 -12.23 -5.05
N ARG A 66 10.47 -11.58 -6.06
CA ARG A 66 10.05 -10.22 -6.43
C ARG A 66 10.45 -9.30 -5.29
N GLY A 67 11.49 -9.72 -4.56
CA GLY A 67 11.98 -8.99 -3.41
C GLY A 67 12.27 -7.51 -3.60
N ASN A 68 12.59 -7.10 -4.84
CA ASN A 68 12.83 -5.70 -5.12
C ASN A 68 11.58 -4.94 -5.45
N ASN A 69 10.41 -5.59 -5.36
CA ASN A 69 9.16 -4.86 -5.58
C ASN A 69 8.57 -4.68 -4.17
N ARG A 70 8.91 -3.61 -3.48
CA ARG A 70 8.36 -3.45 -2.14
C ARG A 70 7.21 -2.44 -2.05
N GLN A 71 6.26 -2.77 -1.20
CA GLN A 71 5.09 -1.97 -1.03
C GLN A 71 4.77 -1.74 0.48
N ILE A 72 3.75 -0.94 0.76
CA ILE A 72 3.33 -0.62 2.13
C ILE A 72 2.70 -1.76 2.90
N ASP A 73 3.36 -2.11 3.97
CA ASP A 73 2.84 -3.16 4.85
C ASP A 73 2.45 -2.44 6.17
N ILE A 74 1.26 -2.70 6.71
CA ILE A 74 0.84 -2.08 7.95
C ILE A 74 0.81 -3.10 9.12
N ARG A 75 1.57 -2.80 10.17
CA ARG A 75 1.62 -3.64 11.35
C ARG A 75 1.93 -5.12 11.11
N GLY A 76 2.77 -5.39 10.11
CA GLY A 76 3.21 -6.73 9.83
C GLY A 76 2.20 -7.63 9.17
N GLY A 78 1.38 -7.64 5.97
CA GLY A 78 1.59 -7.92 4.56
C GLY A 78 0.99 -6.82 3.69
N PRO A 79 1.72 -6.47 2.64
CA PRO A 79 1.33 -5.43 1.68
C PRO A 79 0.00 -5.72 1.05
N GLU A 80 -0.34 -6.99 0.92
CA GLU A 80 -1.61 -7.26 0.30
C GLU A 80 -2.78 -6.79 1.16
N ASN A 81 -2.47 -6.57 2.45
CA ASN A 81 -3.53 -6.18 3.36
C ASN A 81 -3.70 -4.73 3.53
N THR A 82 -3.04 -3.96 2.69
CA THR A 82 -3.22 -2.55 2.79
C THR A 82 -4.13 -2.12 1.69
N LEU A 83 -5.21 -1.44 2.04
CA LEU A 83 -6.16 -0.89 1.10
C LEU A 83 -5.87 0.59 0.78
N ILE A 84 -5.69 0.90 -0.51
CA ILE A 84 -5.49 2.26 -0.98
C ILE A 84 -6.77 2.90 -1.55
N LEU A 85 -7.07 4.12 -1.13
CA LEU A 85 -8.24 4.88 -1.61
C LEU A 85 -7.69 6.19 -2.19
N ILE A 86 -8.39 6.72 -3.19
CA ILE A 86 -7.99 8.01 -3.74
C ILE A 86 -9.20 8.86 -3.52
N ASP A 87 -9.03 9.85 -2.67
CA ASP A 87 -10.15 10.70 -2.36
C ASP A 87 -11.35 9.90 -1.80
N GLY A 88 -11.06 8.87 -1.01
CA GLY A 88 -12.13 8.11 -0.42
C GLY A 88 -12.62 7.01 -1.32
N LYS A 89 -12.12 6.90 -2.53
CA LYS A 89 -12.61 5.86 -3.40
C LYS A 89 -11.60 4.75 -3.60
N PRO A 90 -12.02 3.51 -3.36
CA PRO A 90 -11.11 2.36 -3.51
C PRO A 90 -10.46 2.17 -4.89
N VAL A 91 -9.21 1.72 -4.88
CA VAL A 91 -8.50 1.43 -6.08
C VAL A 91 -8.44 -0.09 -6.15
N SER A 92 -9.00 -0.66 -7.22
CA SER A 92 -8.97 -2.12 -7.39
C SER A 92 -7.95 -2.59 -8.39
N SER A 93 -7.34 -1.66 -9.11
CA SER A 93 -6.40 -2.02 -10.13
C SER A 93 -5.50 -3.21 -9.93
N ARG A 94 -5.11 -3.50 -8.69
CA ARG A 94 -4.17 -4.61 -8.45
C ARG A 94 -4.76 -5.95 -8.85
N ASN A 95 -6.07 -5.99 -8.96
CA ASN A 95 -6.76 -7.20 -9.32
C ASN A 95 -6.75 -7.61 -10.77
N SER A 96 -6.03 -6.88 -11.61
CA SER A 96 -5.92 -7.22 -12.99
C SER A 96 -4.69 -8.07 -13.13
N VAL A 97 -3.87 -8.15 -12.08
CA VAL A 97 -2.70 -8.99 -12.15
C VAL A 97 -2.95 -10.13 -11.19
N ARG A 98 -2.81 -11.36 -11.68
CA ARG A 98 -3.05 -12.53 -10.86
C ARG A 98 -1.99 -12.68 -9.82
N GLN A 99 -2.39 -13.19 -8.67
CA GLN A 99 -1.43 -13.43 -7.64
C GLN A 99 -0.75 -14.78 -7.90
N GLY A 100 0.54 -14.83 -7.57
CA GLY A 100 1.29 -16.05 -7.72
C GLY A 100 1.06 -17.00 -6.56
N TRP A 101 1.58 -18.21 -6.74
CA TRP A 101 1.47 -19.29 -5.78
C TRP A 101 1.83 -18.80 -4.37
N ARG A 102 2.90 -18.01 -4.26
CA ARG A 102 3.43 -17.48 -3.01
C ARG A 102 3.05 -16.05 -2.63
N GLY A 103 1.95 -15.51 -3.12
CA GLY A 103 1.64 -14.13 -2.75
C GLY A 103 2.29 -13.05 -3.60
N GLU A 104 3.24 -13.40 -4.47
CA GLU A 104 3.82 -12.36 -5.29
C GLU A 104 2.78 -11.81 -6.26
N ARG A 105 2.97 -10.54 -6.62
CA ARG A 105 2.06 -9.86 -7.51
C ARG A 105 2.86 -8.84 -8.31
N ASP A 106 2.80 -8.99 -9.62
CA ASP A 106 3.52 -8.13 -10.56
C ASP A 106 2.96 -6.73 -10.84
N THR A 107 2.74 -5.95 -9.78
CA THR A 107 2.25 -4.59 -9.93
C THR A 107 3.24 -3.70 -9.22
N ARG A 108 3.07 -2.39 -9.34
CA ARG A 108 3.95 -1.47 -8.66
C ARG A 108 3.30 -0.95 -7.40
N GLY A 109 2.19 -1.55 -7.03
CA GLY A 109 1.43 -1.10 -5.89
C GLY A 109 0.47 0.00 -6.35
N ASP A 110 -0.40 0.46 -5.44
CA ASP A 110 -1.39 1.47 -5.74
C ASP A 110 -1.10 2.90 -5.23
N THR A 111 0.06 3.11 -4.63
CA THR A 111 0.34 4.45 -4.15
C THR A 111 1.11 5.26 -5.20
N SER A 112 1.06 4.88 -6.47
CA SER A 112 1.74 5.69 -7.47
C SER A 112 0.79 6.16 -8.57
N TRP A 113 -0.50 6.20 -8.34
CA TRP A 113 -1.38 6.71 -9.35
C TRP A 113 -1.45 8.24 -9.24
N VAL A 114 -1.37 8.75 -8.01
CA VAL A 114 -1.47 10.18 -7.84
C VAL A 114 -0.12 10.82 -7.79
N PRO A 115 0.13 11.79 -8.66
CA PRO A 115 1.45 12.47 -8.64
C PRO A 115 1.67 13.12 -7.23
N PRO A 116 2.85 12.93 -6.60
CA PRO A 116 3.18 13.50 -5.28
C PRO A 116 2.82 14.99 -5.09
N GLU A 117 3.06 15.81 -6.10
CA GLU A 117 2.76 17.23 -6.05
C GLU A 117 1.27 17.56 -6.04
N ILE A 119 -0.87 15.89 -4.08
CA ILE A 119 -1.43 15.43 -2.85
C ILE A 119 -1.61 16.53 -1.80
N GLU A 120 -2.85 16.66 -1.32
CA GLU A 120 -3.19 17.63 -0.29
C GLU A 120 -2.77 16.95 1.03
N ARG A 121 -3.14 15.70 1.21
CA ARG A 121 -2.72 15.06 2.43
C ARG A 121 -2.91 13.58 2.33
N ILE A 122 -2.26 12.85 3.22
CA ILE A 122 -2.39 11.43 3.30
C ILE A 122 -2.81 10.90 4.70
N GLU A 123 -3.89 10.12 4.76
CA GLU A 123 -4.37 9.52 6.02
C GLU A 123 -3.97 8.06 6.05
N VAL A 124 -3.23 7.67 7.09
CA VAL A 124 -2.81 6.29 7.26
C VAL A 124 -3.54 5.75 8.51
N LEU A 125 -4.50 4.84 8.29
CA LEU A 125 -5.33 4.28 9.39
C LEU A 125 -4.86 2.86 9.58
N ARG A 126 -4.69 2.43 10.82
CA ARG A 126 -4.16 1.10 11.08
C ARG A 126 -4.99 0.37 12.12
N GLY A 127 -5.06 -0.95 11.99
CA GLY A 127 -5.81 -1.72 12.95
C GLY A 127 -7.27 -1.35 13.01
N PRO A 128 -7.82 -1.21 14.23
CA PRO A 128 -9.24 -0.88 14.32
C PRO A 128 -9.83 0.28 13.58
N ALA A 129 -9.10 1.36 13.41
CA ALA A 129 -9.70 2.51 12.75
C ALA A 129 -9.92 2.22 11.29
N ALA A 130 -9.05 1.43 10.73
CA ALA A 130 -9.13 1.14 9.33
C ALA A 130 -10.28 0.17 8.89
N ALA A 131 -10.66 -0.74 9.77
CA ALA A 131 -11.66 -1.76 9.47
C ALA A 131 -13.00 -1.29 8.92
N ARG A 132 -13.55 -0.20 9.43
CA ARG A 132 -14.83 0.28 8.92
C ARG A 132 -14.87 0.49 7.44
N TYR A 133 -13.70 0.62 6.79
CA TYR A 133 -13.72 0.86 5.34
C TYR A 133 -14.05 -0.40 4.59
N GLY A 134 -14.27 -1.47 5.32
CA GLY A 134 -14.59 -2.72 4.69
C GLY A 134 -13.49 -3.55 4.04
N ASN A 135 -13.97 -4.16 2.96
CA ASN A 135 -13.22 -5.09 2.20
C ASN A 135 -11.79 -4.70 1.84
N GLY A 136 -10.82 -5.45 2.32
CA GLY A 136 -9.46 -5.12 2.00
C GLY A 136 -8.66 -4.40 3.07
N ALA A 137 -9.33 -3.88 4.09
CA ALA A 137 -8.66 -3.12 5.16
C ALA A 137 -8.09 -3.85 6.38
N ALA A 138 -7.79 -5.15 6.28
CA ALA A 138 -7.25 -5.89 7.40
C ALA A 138 -5.98 -5.32 8.04
N GLY A 139 -5.12 -4.73 7.24
CA GLY A 139 -3.88 -4.17 7.76
C GLY A 139 -4.11 -2.71 8.07
N GLY A 140 -4.56 -1.98 7.07
CA GLY A 140 -4.89 -0.60 7.24
C GLY A 140 -5.29 0.01 5.93
N VAL A 141 -5.65 1.28 6.01
CA VAL A 141 -6.07 2.08 4.89
C VAL A 141 -5.15 3.25 4.72
N VAL A 142 -4.74 3.44 3.46
CA VAL A 142 -3.94 4.60 3.06
C VAL A 142 -4.88 5.38 2.12
N ASN A 143 -5.40 6.49 2.61
CA ASN A 143 -6.30 7.31 1.82
C ASN A 143 -5.58 8.57 1.35
N ILE A 144 -5.33 8.60 0.04
CA ILE A 144 -4.72 9.71 -0.64
C ILE A 144 -5.67 10.79 -1.06
N ILE A 145 -5.48 11.98 -0.50
CA ILE A 145 -6.36 13.11 -0.81
C ILE A 145 -5.78 14.12 -1.75
N THR A 146 -6.46 14.40 -2.85
CA THR A 146 -5.85 15.32 -3.78
C THR A 146 -6.12 16.76 -3.45
N LYS A 147 -5.24 17.65 -3.91
CA LYS A 147 -5.43 19.08 -3.72
C LYS A 147 -6.65 19.50 -4.53
N LYS A 148 -7.54 20.27 -3.94
CA LYS A 148 -8.77 20.69 -4.59
C LYS A 148 -8.68 22.14 -5.06
N GLY A 149 -9.43 22.47 -6.11
CA GLY A 149 -9.41 23.84 -6.61
C GLY A 149 -10.40 24.71 -5.87
N SER A 150 -10.29 26.03 -5.94
CA SER A 150 -11.20 26.88 -5.16
C SER A 150 -12.25 27.71 -5.91
N GLY A 151 -12.25 27.70 -7.23
CA GLY A 151 -13.24 28.51 -7.94
C GLY A 151 -12.59 29.73 -8.58
N GLU A 152 -11.37 30.00 -8.18
CA GLU A 152 -10.65 31.09 -8.75
C GLU A 152 -9.43 30.44 -9.47
N TRP A 153 -8.73 31.20 -10.31
CA TRP A 153 -7.58 30.68 -11.04
C TRP A 153 -6.37 30.36 -10.18
N HIS A 154 -5.83 29.17 -10.34
CA HIS A 154 -4.67 28.74 -9.59
C HIS A 154 -4.01 27.73 -10.46
N GLY A 155 -2.71 27.55 -10.25
CA GLY A 155 -2.01 26.58 -11.05
C GLY A 155 -0.62 26.23 -10.56
N SER A 156 -0.09 25.16 -11.11
CA SER A 156 1.25 24.79 -10.71
C SER A 156 2.00 24.15 -11.85
N TRP A 157 3.33 24.31 -11.80
CA TRP A 157 4.20 23.68 -12.77
C TRP A 157 5.49 23.23 -12.02
N ASP A 158 5.68 21.92 -11.83
CA ASP A 158 6.82 21.37 -11.11
C ASP A 158 7.71 20.37 -11.82
N ALA A 159 8.91 20.19 -11.30
CA ALA A 159 9.85 19.22 -11.85
C ALA A 159 10.72 18.67 -10.73
N TYR A 160 11.22 17.46 -10.90
CA TYR A 160 12.04 16.86 -9.88
C TYR A 160 12.98 15.88 -10.56
N PHE A 161 14.16 15.66 -9.99
CA PHE A 161 15.09 14.67 -10.53
C PHE A 161 16.15 14.37 -9.46
N ASN A 162 16.69 13.17 -9.49
CA ASN A 162 17.72 12.83 -8.52
C ASN A 162 18.96 12.45 -9.26
N ALA A 163 19.95 12.02 -8.50
CA ALA A 163 21.21 11.67 -9.10
C ALA A 163 22.02 10.85 -8.14
N PRO A 164 21.98 9.55 -8.33
CA PRO A 164 22.65 8.47 -7.60
C PRO A 164 24.19 8.65 -7.75
N GLU A 165 24.96 8.47 -6.69
CA GLU A 165 26.41 8.59 -6.85
C GLU A 165 26.91 7.36 -7.58
N HIS A 166 26.25 6.24 -7.33
CA HIS A 166 26.58 4.97 -7.96
C HIS A 166 25.65 4.72 -9.16
N LYS A 167 26.03 4.95 -10.40
CA LYS A 167 24.93 4.78 -11.40
C LYS A 167 24.14 3.54 -11.50
N GLU A 168 24.74 2.41 -11.17
CA GLU A 168 24.04 1.13 -11.27
C GLU A 168 22.61 1.35 -10.85
N GLU A 169 22.47 2.34 -9.97
CA GLU A 169 21.19 2.72 -9.43
C GLU A 169 20.48 3.67 -10.36
N GLY A 170 19.27 3.27 -10.76
CA GLY A 170 18.48 4.04 -11.69
C GLY A 170 17.99 5.38 -11.17
N ALA A 171 18.08 6.40 -12.01
CA ALA A 171 17.62 7.74 -11.66
C ALA A 171 16.16 7.98 -12.11
N THR A 172 15.57 8.99 -11.49
CA THR A 172 14.21 9.43 -11.70
C THR A 172 14.12 10.91 -12.12
N LYS A 173 13.21 11.17 -13.05
CA LYS A 173 12.90 12.54 -13.48
C LYS A 173 11.36 12.65 -13.42
N ARG A 174 10.84 13.79 -12.96
CA ARG A 174 9.38 13.93 -12.95
C ARG A 174 9.00 15.36 -13.20
N THR A 175 7.88 15.56 -13.87
CA THR A 175 7.43 16.90 -14.15
C THR A 175 5.92 16.90 -14.28
N ASN A 176 5.28 17.92 -13.72
CA ASN A 176 3.82 17.96 -13.76
C ASN A 176 3.25 19.34 -13.67
N PHE A 177 1.97 19.44 -14.01
CA PHE A 177 1.24 20.72 -13.95
C PHE A 177 -0.20 20.50 -13.54
N SER A 178 -0.81 21.57 -13.02
CA SER A 178 -2.21 21.53 -12.65
C SER A 178 -2.77 22.95 -12.94
N LEU A 179 -4.07 23.00 -13.24
CA LEU A 179 -4.74 24.26 -13.52
C LEU A 179 -6.13 24.21 -12.94
N THR A 180 -6.60 25.28 -12.33
CA THR A 180 -7.98 25.22 -11.87
C THR A 180 -8.54 26.61 -11.94
N GLY A 181 -9.85 26.73 -12.03
CA GLY A 181 -10.47 28.04 -12.11
C GLY A 181 -11.97 27.95 -12.38
N PRO A 182 -12.62 29.12 -12.48
CA PRO A 182 -14.06 29.26 -12.74
C PRO A 182 -14.38 28.75 -14.15
N LEU A 183 -15.55 28.20 -14.32
CA LEU A 183 -15.87 27.66 -15.62
C LEU A 183 -17.26 28.11 -15.87
N GLY A 184 -17.55 29.37 -15.59
CA GLY A 184 -18.90 29.84 -15.74
C GLY A 184 -19.38 30.48 -14.45
N ASP A 185 -20.67 30.35 -14.18
CA ASP A 185 -21.28 30.92 -12.99
C ASP A 185 -21.18 30.04 -11.77
N GLU A 186 -21.83 28.88 -11.85
CA GLU A 186 -21.79 27.98 -10.73
C GLU A 186 -20.81 26.81 -10.95
N PHE A 187 -19.96 26.94 -11.97
CA PHE A 187 -19.02 25.87 -12.25
C PHE A 187 -17.56 26.20 -12.10
N SER A 188 -16.81 25.12 -12.01
CA SER A 188 -15.38 25.24 -11.93
C SER A 188 -14.76 23.92 -12.37
N PHE A 189 -13.47 23.94 -12.58
CA PHE A 189 -12.77 22.75 -13.02
C PHE A 189 -11.39 22.71 -12.40
N ARG A 190 -10.79 21.52 -12.46
CA ARG A 190 -9.41 21.26 -12.04
C ARG A 190 -8.89 20.31 -13.11
N LEU A 191 -7.65 20.51 -13.49
CA LEU A 191 -7.01 19.71 -14.49
C LEU A 191 -5.56 19.48 -14.10
N TYR A 192 -5.07 18.26 -14.15
CA TYR A 192 -3.62 18.07 -13.88
C TYR A 192 -3.08 16.97 -14.78
N GLY A 193 -1.79 17.06 -15.11
CA GLY A 193 -1.12 16.08 -15.95
C GLY A 193 0.23 15.75 -15.34
N ASN A 194 0.70 14.53 -15.53
CA ASN A 194 1.99 14.11 -15.00
C ASN A 194 2.81 13.17 -15.93
N LEU A 195 4.13 13.34 -15.94
CA LEU A 195 5.06 12.48 -16.69
C LEU A 195 6.26 12.21 -15.80
N ASP A 196 6.52 10.93 -15.57
CA ASP A 196 7.70 10.60 -14.80
C ASP A 196 8.36 9.36 -15.34
N LYS A 197 9.66 9.30 -15.10
CA LYS A 197 10.43 8.18 -15.54
C LYS A 197 11.49 7.79 -14.55
N THR A 198 11.53 6.51 -14.22
CA THR A 198 12.61 6.06 -13.35
C THR A 198 13.35 4.94 -14.07
N GLN A 199 14.63 5.11 -14.31
CA GLN A 199 15.44 4.10 -14.98
C GLN A 199 15.47 2.84 -14.13
N ALA A 200 15.69 1.70 -14.79
CA ALA A 200 15.82 0.40 -14.13
C ALA A 200 17.24 0.33 -13.60
N ASP A 201 17.47 -0.43 -12.53
CA ASP A 201 18.85 -0.58 -12.11
C ASP A 201 19.63 -1.37 -13.21
N ALA A 202 20.91 -1.14 -13.26
CA ALA A 202 21.85 -1.85 -14.13
C ALA A 202 21.61 -3.36 -13.98
N TRP A 203 21.66 -4.11 -15.08
CA TRP A 203 21.43 -5.56 -14.98
C TRP A 203 22.49 -6.29 -14.13
N ASP A 204 23.69 -5.75 -14.03
CA ASP A 204 24.67 -6.45 -13.26
C ASP A 204 24.91 -5.72 -11.90
N ILE A 205 23.88 -5.08 -11.37
CA ILE A 205 24.06 -4.32 -10.13
C ILE A 205 24.45 -5.20 -8.96
N ASN A 206 23.85 -6.40 -8.93
CA ASN A 206 24.11 -7.32 -7.84
C ASN A 206 25.31 -8.27 -8.02
N GLN A 207 26.03 -8.05 -9.11
CA GLN A 207 27.24 -8.81 -9.44
C GLN A 207 28.24 -8.60 -8.30
N GLY A 208 28.66 -9.69 -7.67
CA GLY A 208 29.61 -9.60 -6.59
C GLY A 208 28.86 -9.69 -5.30
N HIS A 209 27.57 -9.97 -5.40
CA HIS A 209 26.77 -10.05 -4.19
C HIS A 209 25.80 -11.20 -4.24
N GLN A 210 25.74 -11.89 -5.39
CA GLN A 210 24.82 -12.99 -5.55
C GLN A 210 25.18 -14.14 -4.63
N SER A 211 24.18 -14.87 -4.17
CA SER A 211 24.35 -16.04 -3.32
C SER A 211 25.08 -17.07 -4.16
N ALA A 212 25.64 -18.07 -3.50
CA ALA A 212 26.35 -19.11 -4.24
C ALA A 212 25.37 -19.89 -5.16
N ARG A 213 25.86 -20.16 -6.35
CA ARG A 213 25.05 -20.83 -7.36
C ARG A 213 26.01 -21.60 -8.24
N ALA A 214 25.45 -22.54 -8.98
CA ALA A 214 26.25 -23.37 -9.87
C ALA A 214 25.46 -24.14 -10.91
N GLY A 215 26.20 -24.82 -11.78
CA GLY A 215 25.59 -25.61 -12.83
C GLY A 215 24.77 -24.74 -13.73
N THR A 216 23.51 -25.10 -13.92
CA THR A 216 22.69 -24.33 -14.79
C THR A 216 22.39 -22.93 -14.24
N TYR A 217 22.79 -22.65 -13.00
CA TYR A 217 22.50 -21.31 -12.45
C TYR A 217 23.66 -20.39 -12.29
N ALA A 218 24.85 -20.85 -12.63
CA ALA A 218 26.06 -20.05 -12.42
C ALA A 218 26.25 -18.69 -13.09
N THR A 219 25.67 -18.47 -14.26
CA THR A 219 25.81 -17.18 -14.93
C THR A 219 24.59 -16.34 -14.52
N THR A 220 23.80 -16.84 -13.56
CA THR A 220 22.63 -16.08 -13.14
C THR A 220 22.91 -15.16 -11.97
N LEU A 221 22.19 -14.03 -11.97
CA LEU A 221 22.29 -12.99 -10.96
C LEU A 221 20.94 -12.47 -10.54
N PRO A 222 20.86 -12.00 -9.30
CA PRO A 222 19.63 -11.43 -8.72
C PRO A 222 19.48 -10.06 -9.42
N ALA A 223 18.30 -9.75 -9.88
CA ALA A 223 18.11 -8.45 -10.55
C ALA A 223 17.88 -7.32 -9.51
N GLY A 224 18.17 -6.12 -9.96
CA GLY A 224 17.92 -4.96 -9.14
C GLY A 224 16.50 -4.50 -9.29
N ARG A 225 16.21 -3.23 -9.00
CA ARG A 225 14.83 -2.71 -9.10
C ARG A 225 14.40 -2.49 -10.53
N GLU A 226 13.15 -2.75 -10.87
CA GLU A 226 12.74 -2.48 -12.26
C GLU A 226 12.41 -0.98 -12.40
N GLY A 227 12.46 -0.50 -13.65
CA GLY A 227 12.15 0.88 -13.93
C GLY A 227 10.66 1.04 -14.15
N VAL A 228 10.22 2.28 -14.36
CA VAL A 228 8.82 2.56 -14.58
C VAL A 228 8.63 3.85 -15.36
N ILE A 229 7.53 3.93 -16.10
CA ILE A 229 7.19 5.13 -16.85
C ILE A 229 5.72 5.37 -16.61
N ASN A 230 5.42 6.55 -16.09
CA ASN A 230 4.04 7.00 -15.81
C ASN A 230 3.59 8.20 -16.64
N LYS A 231 2.33 8.15 -17.05
CA LYS A 231 1.72 9.26 -17.78
C LYS A 231 0.37 9.40 -17.12
N ASP A 232 -0.09 10.61 -16.85
CA ASP A 232 -1.41 10.71 -16.24
C ASP A 232 -2.06 12.00 -16.69
N ILE A 233 -3.38 11.96 -16.76
CA ILE A 233 -4.10 13.16 -17.08
C ILE A 233 -5.36 13.03 -16.23
N ASN A 234 -5.83 14.12 -15.62
CA ASN A 234 -7.03 14.05 -14.78
C ASN A 234 -7.88 15.31 -14.93
N GLY A 235 -9.22 15.15 -14.99
CA GLY A 235 -10.10 16.28 -15.14
C GLY A 235 -11.20 16.17 -14.16
N VAL A 236 -11.67 17.32 -13.72
CA VAL A 236 -12.77 17.41 -12.77
C VAL A 236 -13.59 18.69 -13.06
N VAL A 237 -14.90 18.53 -12.99
CA VAL A 237 -15.80 19.65 -13.21
C VAL A 237 -16.68 19.59 -12.02
N ARG A 238 -16.84 20.74 -11.41
CA ARG A 238 -17.62 20.84 -10.23
C ARG A 238 -18.77 21.85 -10.37
N TRP A 239 -19.92 21.44 -9.92
CA TRP A 239 -21.06 22.27 -9.96
C TRP A 239 -21.57 22.61 -8.55
N ASP A 240 -21.39 23.85 -8.16
CA ASP A 240 -21.86 24.26 -6.87
C ASP A 240 -23.24 24.89 -7.00
N PHE A 241 -24.23 24.01 -7.21
CA PHE A 241 -25.60 24.40 -7.45
C PHE A 241 -26.43 24.91 -6.27
N ALA A 242 -26.01 24.72 -5.04
CA ALA A 242 -26.83 25.24 -3.98
C ALA A 242 -26.00 25.45 -2.73
N PRO A 243 -26.49 26.17 -1.75
CA PRO A 243 -25.53 26.23 -0.63
C PRO A 243 -25.28 24.82 -0.03
N LEU A 244 -24.04 24.49 0.29
CA LEU A 244 -23.73 23.18 0.84
C LEU A 244 -24.14 22.04 -0.10
N GLN A 245 -24.34 22.38 -1.36
CA GLN A 245 -24.71 21.39 -2.35
C GLN A 245 -23.81 21.41 -3.59
N SER A 246 -23.07 20.33 -3.80
CA SER A 246 -22.22 20.26 -4.99
C SER A 246 -22.31 18.91 -5.70
N LEU A 247 -22.05 18.95 -6.99
CA LEU A 247 -22.02 17.77 -7.84
C LEU A 247 -20.64 17.78 -8.46
N GLU A 248 -19.92 16.66 -8.43
CA GLU A 248 -18.57 16.68 -8.99
C GLU A 248 -18.32 15.53 -9.96
N LEU A 249 -17.92 15.88 -11.17
CA LEU A 249 -17.65 14.87 -12.20
C LEU A 249 -16.16 14.78 -12.43
N GLU A 250 -15.62 13.58 -12.33
CA GLU A 250 -14.21 13.34 -12.50
C GLU A 250 -13.87 12.28 -13.52
N ALA A 251 -12.82 12.51 -14.28
CA ALA A 251 -12.39 11.52 -15.24
C ALA A 251 -10.90 11.60 -15.22
N GLY A 252 -10.30 10.42 -15.32
CA GLY A 252 -8.87 10.37 -15.31
C GLY A 252 -8.30 9.20 -16.04
N TYR A 253 -7.05 9.34 -16.42
CA TYR A 253 -6.43 8.31 -17.14
C TYR A 253 -4.96 8.16 -16.88
N SER A 254 -4.52 6.95 -16.53
CA SER A 254 -3.11 6.68 -16.26
C SER A 254 -2.53 5.50 -17.05
N ARG A 255 -1.32 5.70 -17.54
CA ARG A 255 -0.62 4.64 -18.25
C ARG A 255 0.66 4.35 -17.46
N GLN A 256 0.81 3.12 -16.97
CA GLN A 256 1.98 2.76 -16.19
C GLN A 256 2.71 1.65 -16.94
N GLY A 257 3.99 1.83 -17.16
CA GLY A 257 4.76 0.83 -17.88
C GLY A 257 6.07 0.56 -17.19
N ASN A 258 6.56 -0.67 -17.33
CA ASN A 258 7.82 -1.01 -16.69
C ASN A 258 9.06 -0.90 -17.57
N LEU A 259 10.20 -1.11 -16.94
CA LEU A 259 11.47 -1.11 -17.66
C LEU A 259 12.04 -2.34 -17.02
N TYR A 260 11.97 -3.41 -17.82
CA TYR A 260 12.34 -4.73 -17.35
C TYR A 260 13.70 -5.03 -16.77
N ALA A 261 13.66 -5.86 -15.72
CA ALA A 261 14.85 -6.40 -15.07
C ALA A 261 14.46 -7.79 -14.56
N GLY A 262 13.19 -7.92 -14.14
CA GLY A 262 12.67 -9.19 -13.62
C GLY A 262 13.21 -9.66 -12.28
N ASP A 263 13.24 -10.97 -12.05
CA ASP A 263 13.78 -11.45 -10.77
C ASP A 263 15.23 -11.91 -10.96
N THR A 264 15.54 -12.31 -12.18
CA THR A 264 16.87 -12.74 -12.46
C THR A 264 17.30 -12.12 -13.79
N GLN A 265 17.63 -10.85 -13.76
CA GLN A 265 18.09 -10.18 -14.97
C GLN A 265 19.56 -10.41 -14.83
N ASN A 266 20.02 -11.53 -15.31
CA ASN A 266 21.35 -11.80 -14.95
C ASN A 266 22.38 -12.45 -15.79
N THR A 267 21.99 -13.25 -16.76
CA THR A 267 23.14 -13.85 -17.33
C THR A 267 24.07 -12.75 -17.80
N ASN A 268 25.34 -13.13 -17.95
CA ASN A 268 26.37 -12.21 -18.40
C ASN A 268 26.29 -12.48 -19.86
N SER A 269 25.60 -13.58 -20.14
CA SER A 269 25.35 -14.02 -21.49
C SER A 269 24.17 -13.26 -22.04
N ASP A 270 24.01 -13.36 -23.36
CA ASP A 270 22.94 -12.69 -24.04
C ASP A 270 21.80 -13.70 -24.15
N SER A 271 21.15 -13.86 -22.99
CA SER A 271 20.00 -14.74 -22.76
C SER A 271 18.65 -14.02 -22.85
N TYR A 272 17.61 -14.81 -22.67
CA TYR A 272 16.24 -14.30 -22.71
C TYR A 272 16.12 -13.18 -21.66
N THR A 273 16.65 -13.44 -20.47
CA THR A 273 16.62 -12.42 -19.40
C THR A 273 17.23 -11.08 -19.93
N ARG A 274 18.44 -11.15 -20.51
CA ARG A 274 19.16 -10.00 -21.06
C ARG A 274 18.61 -9.37 -22.33
N SER A 275 17.76 -10.08 -23.08
CA SER A 275 17.21 -9.50 -24.32
C SER A 275 16.02 -8.55 -24.04
N LYS A 276 15.44 -8.67 -22.84
CA LYS A 276 14.34 -7.84 -22.45
C LYS A 276 14.79 -6.71 -21.51
N TYR A 277 15.91 -6.92 -20.84
CA TYR A 277 16.41 -5.93 -19.91
C TYR A 277 16.30 -4.47 -20.40
N GLY A 278 15.45 -3.65 -19.76
CA GLY A 278 15.26 -2.27 -20.19
C GLY A 278 13.97 -2.02 -21.01
N ASP A 279 13.35 -3.07 -21.54
CA ASP A 279 12.11 -2.95 -22.32
C ASP A 279 10.87 -2.96 -21.48
N GLU A 280 9.81 -2.47 -22.10
CA GLU A 280 8.54 -2.45 -21.47
C GLU A 280 7.97 -3.85 -21.81
N THR A 281 7.73 -4.64 -20.78
CA THR A 281 7.21 -5.97 -20.96
C THR A 281 5.88 -6.11 -20.25
N ASN A 282 5.49 -5.09 -19.49
CA ASN A 282 4.27 -5.14 -18.67
C ASN A 282 3.58 -3.74 -18.64
N ARG A 283 2.26 -3.67 -18.82
CA ARG A 283 1.58 -2.37 -18.82
C ARG A 283 0.27 -2.36 -18.07
N LEU A 284 -0.06 -1.18 -17.56
CA LEU A 284 -1.34 -1.00 -16.88
C LEU A 284 -1.94 0.31 -17.35
N TYR A 285 -3.21 0.24 -17.79
CA TYR A 285 -3.95 1.42 -18.29
C TYR A 285 -5.07 1.44 -17.33
N ARG A 286 -5.27 2.59 -16.72
CA ARG A 286 -6.29 2.74 -15.72
C ARG A 286 -7.11 3.94 -16.04
N GLN A 287 -8.41 3.72 -16.05
CA GLN A 287 -9.35 4.76 -16.33
C GLN A 287 -10.27 4.81 -15.14
N ASN A 288 -10.66 6.01 -14.68
CA ASN A 288 -11.55 6.07 -13.52
C ASN A 288 -12.52 7.15 -13.79
N TYR A 289 -13.77 6.95 -13.41
CA TYR A 289 -14.76 7.98 -13.69
C TYR A 289 -15.58 8.10 -12.45
N ALA A 290 -15.87 9.33 -12.03
CA ALA A 290 -16.69 9.47 -10.82
C ALA A 290 -17.67 10.61 -10.83
N LEU A 291 -18.80 10.39 -10.17
CA LEU A 291 -19.86 11.38 -10.03
C LEU A 291 -20.11 11.45 -8.51
N THR A 292 -19.95 12.65 -7.95
CA THR A 292 -20.13 12.84 -6.52
C THR A 292 -21.13 13.92 -6.17
N TRP A 293 -22.03 13.57 -5.27
CA TRP A 293 -23.12 14.42 -4.77
C TRP A 293 -22.90 14.60 -3.24
N ASN A 294 -22.41 15.75 -2.82
CA ASN A 294 -22.27 15.99 -1.39
C ASN A 294 -23.31 17.07 -1.04
N GLY A 295 -23.96 16.88 0.10
CA GLY A 295 -24.97 17.80 0.54
C GLY A 295 -24.89 18.10 2.04
N GLY A 296 -25.37 19.28 2.40
CA GLY A 296 -25.39 19.69 3.79
C GLY A 296 -26.65 20.52 4.01
N TRP A 297 -27.07 20.65 5.26
CA TRP A 297 -28.23 21.47 5.60
C TRP A 297 -27.95 22.19 6.91
N ASP A 298 -28.50 23.41 7.06
CA ASP A 298 -28.28 24.27 8.25
C ASP A 298 -28.57 23.44 9.50
N ASN A 299 -29.45 22.51 9.21
CA ASN A 299 -30.00 21.45 10.03
C ASN A 299 -28.92 20.57 10.68
N GLY A 300 -27.73 20.51 10.10
CA GLY A 300 -26.67 19.70 10.65
C GLY A 300 -26.48 18.45 9.81
N VAL A 301 -27.52 18.04 9.11
CA VAL A 301 -27.42 16.86 8.29
C VAL A 301 -26.58 16.96 7.01
N THR A 302 -25.76 15.93 6.75
CA THR A 302 -24.95 15.81 5.55
C THR A 302 -25.18 14.44 4.88
N THR A 303 -24.94 14.42 3.58
CA THR A 303 -25.07 13.23 2.77
C THR A 303 -23.86 13.22 1.84
N SER A 304 -23.40 12.03 1.48
CA SER A 304 -22.28 11.90 0.55
C SER A 304 -22.68 10.69 -0.28
N ASN A 305 -22.78 10.88 -1.59
CA ASN A 305 -23.21 9.81 -2.49
C ASN A 305 -22.39 9.90 -3.78
N TRP A 306 -21.75 8.81 -4.18
CA TRP A 306 -20.93 8.84 -5.37
C TRP A 306 -20.94 7.51 -6.07
N VAL A 307 -20.40 7.52 -7.27
CA VAL A 307 -20.32 6.29 -8.01
C VAL A 307 -19.05 6.40 -8.76
N GLN A 308 -18.30 5.31 -8.74
CA GLN A 308 -17.06 5.24 -9.45
C GLN A 308 -17.03 4.00 -10.40
N TYR A 309 -16.44 4.22 -11.56
CA TYR A 309 -16.24 3.18 -12.52
C TYR A 309 -14.75 3.25 -12.84
N GLU A 310 -14.12 2.14 -12.57
CA GLU A 310 -12.69 1.96 -12.72
C GLU A 310 -12.48 0.83 -13.71
N HIS A 311 -11.80 1.13 -14.80
CA HIS A 311 -11.49 0.12 -15.79
C HIS A 311 -9.97 -0.03 -15.89
N THR A 312 -9.47 -1.21 -15.61
CA THR A 312 -8.04 -1.44 -15.68
C THR A 312 -7.69 -2.57 -16.64
N ARG A 313 -6.69 -2.35 -17.49
CA ARG A 313 -6.20 -3.36 -18.39
C ARG A 313 -4.73 -3.63 -18.10
N ASN A 314 -4.42 -4.90 -17.95
CA ASN A 314 -3.06 -5.32 -17.76
C ASN A 314 -2.66 -6.05 -19.05
N SER A 315 -1.70 -5.47 -19.75
CA SER A 315 -1.17 -6.04 -20.96
C SER A 315 0.30 -6.33 -20.70
N ARG A 316 0.61 -7.59 -20.47
CA ARG A 316 1.98 -8.00 -20.14
C ARG A 316 2.43 -9.12 -21.10
N ILE A 317 3.73 -9.35 -21.14
CA ILE A 317 4.32 -10.42 -21.93
C ILE A 317 4.50 -11.51 -20.88
N PRO A 318 3.83 -12.66 -21.03
CA PRO A 318 3.97 -13.73 -20.02
C PRO A 318 5.42 -14.21 -19.83
N GLU A 319 5.77 -14.65 -18.62
CA GLU A 319 7.12 -15.13 -18.39
C GLU A 319 7.11 -16.63 -18.12
N GLY A 320 8.01 -17.36 -18.79
CA GLY A 320 8.12 -18.81 -18.60
C GLY A 320 7.39 -19.77 -19.56
N LEU A 321 6.66 -20.73 -18.96
CA LEU A 321 5.89 -21.77 -19.68
C LEU A 321 4.85 -22.55 -18.79
N ALA A 322 4.44 -23.73 -19.28
CA ALA A 322 3.46 -24.63 -18.62
C ALA A 322 3.70 -26.11 -19.02
N GLY A 323 2.68 -26.96 -18.79
CA GLY A 323 2.81 -28.37 -19.14
C GLY A 323 2.36 -29.41 -18.12
N GLN A 335 7.55 -10.10 -29.65
CA GLN A 335 7.06 -10.23 -28.24
C GLN A 335 5.57 -9.90 -28.20
N ASP A 336 4.75 -10.87 -27.76
CA ASP A 336 3.30 -10.65 -27.71
C ASP A 336 2.63 -10.57 -26.35
N PHE A 337 1.97 -9.43 -26.16
CA PHE A 337 1.28 -9.12 -24.93
C PHE A 337 -0.05 -9.83 -24.88
N VAL A 338 -0.30 -10.39 -23.70
CA VAL A 338 -1.53 -11.09 -23.35
C VAL A 338 -2.23 -10.08 -22.41
N ASP A 339 -3.54 -9.95 -22.55
CA ASP A 339 -4.29 -8.96 -21.79
C ASP A 339 -5.31 -9.46 -20.78
N ILE A 340 -5.58 -8.62 -19.77
CA ILE A 340 -6.58 -8.93 -18.77
C ILE A 340 -7.29 -7.63 -18.49
N ASP A 341 -8.62 -7.65 -18.50
CA ASP A 341 -9.38 -6.44 -18.25
C ASP A 341 -10.26 -6.55 -17.01
N LEU A 342 -10.09 -5.58 -16.10
CA LEU A 342 -10.83 -5.52 -14.86
C LEU A 342 -11.84 -4.37 -14.84
N ASP A 343 -13.04 -4.66 -14.40
CA ASP A 343 -14.04 -3.64 -14.34
C ASP A 343 -14.50 -3.57 -12.94
N ASP A 344 -14.63 -2.36 -12.46
CA ASP A 344 -15.11 -2.20 -11.11
C ASP A 344 -16.03 -0.99 -11.09
N VAL A 345 -17.19 -1.20 -10.50
CA VAL A 345 -18.19 -0.17 -10.32
C VAL A 345 -18.52 -0.27 -8.84
N LEU A 347 -20.76 1.76 -5.82
CA LEU A 347 -21.82 2.70 -5.53
C LEU A 347 -21.74 2.88 -4.03
N HIS A 348 -21.90 4.12 -3.61
CA HIS A 348 -21.81 4.44 -2.19
C HIS A 348 -22.82 5.52 -1.75
N SER A 349 -23.49 5.30 -0.63
CA SER A 349 -24.48 6.29 -0.24
C SER A 349 -24.63 6.30 1.25
N GLU A 350 -24.71 7.50 1.81
CA GLU A 350 -24.78 7.65 3.26
C GLU A 350 -25.20 9.03 3.74
N VAL A 351 -25.88 9.04 4.90
CA VAL A 351 -26.38 10.26 5.53
C VAL A 351 -25.80 10.36 6.90
N ASN A 352 -25.58 11.56 7.36
CA ASN A 352 -25.07 11.76 8.72
C ASN A 352 -26.13 12.61 9.39
N LEU A 353 -26.67 12.05 10.47
CA LEU A 353 -27.77 12.59 11.28
C LEU A 353 -27.39 12.99 12.67
N PRO A 354 -27.34 14.29 12.91
CA PRO A 354 -26.99 14.67 14.28
C PRO A 354 -28.26 14.35 15.08
N ILE A 355 -28.10 13.82 16.29
CA ILE A 355 -29.24 13.47 17.13
C ILE A 355 -29.06 13.82 18.58
N ASP A 356 -30.10 14.43 19.11
CA ASP A 356 -30.13 14.78 20.51
C ASP A 356 -31.13 13.77 21.08
N PHE A 357 -30.62 12.71 21.71
CA PHE A 357 -31.53 11.77 22.35
C PHE A 357 -31.39 12.13 23.81
N LEU A 358 -30.43 11.54 24.50
CA LEU A 358 -30.23 11.91 25.89
C LEU A 358 -28.87 12.50 26.00
N VAL A 359 -28.06 12.19 25.02
CA VAL A 359 -26.69 12.60 24.96
C VAL A 359 -26.56 13.08 23.53
N ASN A 360 -25.60 13.95 23.23
CA ASN A 360 -25.37 14.40 21.86
C ASN A 360 -24.68 13.34 21.04
N GLN A 361 -25.04 13.23 19.78
CA GLN A 361 -24.41 12.20 18.96
C GLN A 361 -24.74 12.37 17.53
N THR A 362 -23.93 11.78 16.65
CA THR A 362 -24.17 11.86 15.20
C THR A 362 -24.26 10.46 14.63
N LEU A 363 -25.42 10.13 14.09
CA LEU A 363 -25.59 8.78 13.58
C LEU A 363 -25.22 8.72 12.11
N THR A 364 -24.36 7.78 11.69
CA THR A 364 -24.10 7.63 10.27
C THR A 364 -24.80 6.33 9.75
N LEU A 365 -25.52 6.42 8.63
CA LEU A 365 -26.26 5.28 8.02
C LEU A 365 -25.93 5.24 6.55
N GLY A 366 -25.47 4.09 6.09
CA GLY A 366 -25.12 4.01 4.68
C GLY A 366 -25.15 2.63 4.01
N THR A 367 -24.83 2.66 2.73
CA THR A 367 -24.82 1.46 1.96
C THR A 367 -23.87 1.58 0.79
N GLU A 368 -23.34 0.44 0.37
CA GLU A 368 -22.43 0.33 -0.76
C GLU A 368 -22.73 -0.88 -1.61
N TRP A 369 -22.51 -0.71 -2.90
CA TRP A 369 -22.71 -1.78 -3.83
C TRP A 369 -21.48 -1.78 -4.71
N ASN A 370 -20.87 -2.94 -4.85
CA ASN A 370 -19.67 -3.03 -5.66
C ASN A 370 -19.65 -4.23 -6.59
N GLN A 371 -19.46 -4.01 -7.88
CA GLN A 371 -19.41 -5.13 -8.79
C GLN A 371 -18.07 -5.16 -9.49
N GLN A 372 -17.48 -6.34 -9.57
CA GLN A 372 -16.21 -6.48 -10.22
C GLN A 372 -16.26 -7.60 -11.29
N ARG A 373 -15.87 -7.27 -12.51
CA ARG A 373 -15.82 -8.20 -13.63
C ARG A 373 -14.39 -8.38 -14.18
N LYS A 375 -12.10 -10.33 -17.43
CA LYS A 375 -12.03 -10.97 -18.73
C LYS A 375 -10.58 -11.35 -18.96
N ASP A 376 -10.30 -12.64 -19.02
CA ASP A 376 -8.94 -13.10 -19.20
C ASP A 376 -8.63 -13.60 -20.62
N LEU A 377 -7.46 -14.20 -20.73
CA LEU A 377 -6.87 -14.80 -21.94
C LEU A 377 -5.95 -15.95 -21.42
N SER A 378 -6.49 -16.66 -20.42
CA SER A 378 -5.80 -17.79 -19.75
C SER A 378 -6.68 -19.04 -19.65
N SER A 379 -6.35 -20.03 -20.50
CA SER A 379 -7.04 -21.32 -20.60
C SER A 379 -6.04 -22.40 -20.19
N ASN A 380 -4.82 -22.25 -20.72
CA ASN A 380 -3.71 -23.16 -20.43
C ASN A 380 -3.95 -24.65 -20.74
N THR A 381 -3.54 -25.07 -21.94
CA THR A 381 -3.65 -26.46 -22.39
C THR A 381 -3.11 -27.39 -21.28
N GLN A 382 -1.79 -27.35 -21.08
CA GLN A 382 -1.03 -28.15 -20.07
C GLN A 382 -1.34 -29.65 -20.06
N ALA A 383 -1.25 -30.30 -21.23
CA ALA A 383 -1.52 -31.73 -21.42
C ALA A 383 -0.30 -32.60 -21.83
N ASP A 400 -7.21 -23.85 -16.80
CA ASP A 400 -8.48 -24.33 -17.40
C ASP A 400 -9.32 -23.22 -18.08
N ARG A 401 -9.70 -23.47 -19.34
CA ARG A 401 -10.51 -22.55 -20.18
C ARG A 401 -11.72 -21.92 -19.46
N SER A 402 -11.69 -20.60 -19.27
CA SER A 402 -12.77 -19.85 -18.59
C SER A 402 -12.64 -18.41 -19.09
N PRO A 403 -13.73 -17.82 -19.62
CA PRO A 403 -13.70 -16.44 -20.12
C PRO A 403 -13.80 -15.30 -19.06
N TYR A 404 -14.88 -15.33 -18.30
CA TYR A 404 -15.13 -14.28 -17.33
C TYR A 404 -15.19 -14.75 -15.88
N SER A 405 -15.14 -13.76 -14.99
CA SER A 405 -15.24 -13.96 -13.55
C SER A 405 -16.05 -12.76 -13.11
N LYS A 406 -16.84 -12.91 -12.06
CA LYS A 406 -17.64 -11.79 -11.65
C LYS A 406 -18.11 -11.99 -10.24
N ALA A 407 -18.22 -10.88 -9.52
CA ALA A 407 -18.68 -10.91 -8.15
C ALA A 407 -19.22 -9.57 -7.74
N GLU A 408 -20.15 -9.62 -6.79
CA GLU A 408 -20.79 -8.44 -6.25
C GLU A 408 -20.71 -8.47 -4.73
N ILE A 409 -20.54 -7.28 -4.14
CA ILE A 409 -20.61 -7.14 -2.68
C ILE A 409 -21.61 -6.03 -2.36
N PHE A 410 -22.54 -6.33 -1.48
CA PHE A 410 -23.54 -5.35 -1.17
C PHE A 410 -23.37 -5.06 0.29
N SER A 411 -23.51 -3.81 0.72
CA SER A 411 -23.32 -3.58 2.15
C SER A 411 -24.23 -2.54 2.72
N LEU A 412 -24.42 -2.71 4.02
CA LEU A 412 -25.21 -1.82 4.84
C LEU A 412 -24.33 -1.54 6.05
N PHE A 413 -24.42 -0.33 6.57
CA PHE A 413 -23.66 -0.01 7.79
C PHE A 413 -24.23 1.17 8.55
N ALA A 414 -24.06 1.10 9.86
CA ALA A 414 -24.50 2.13 10.78
C ALA A 414 -23.34 2.37 11.70
N GLU A 415 -23.13 3.64 12.04
CA GLU A 415 -22.08 4.08 12.96
C GLU A 415 -22.60 5.21 13.80
N ASN A 416 -22.15 5.32 15.04
CA ASN A 416 -22.61 6.43 15.87
C ASN A 416 -21.47 7.04 16.70
N ASN A 417 -21.38 8.35 16.74
CA ASN A 417 -20.33 8.95 17.50
C ASN A 417 -21.07 9.61 18.64
N GLU A 419 -21.11 11.49 22.44
CA GLU A 419 -20.47 12.34 23.45
C GLU A 419 -21.16 12.02 24.79
N LEU A 420 -20.65 11.01 25.52
CA LEU A 420 -21.24 10.62 26.81
C LEU A 420 -21.02 11.62 27.90
N THR A 421 -19.85 12.24 27.92
CA THR A 421 -19.57 13.28 28.92
C THR A 421 -18.72 14.28 28.18
N ASP A 422 -18.12 15.20 28.93
CA ASP A 422 -17.31 16.23 28.32
C ASP A 422 -15.98 15.68 27.96
N SER A 423 -15.64 14.57 28.59
CA SER A 423 -14.35 13.95 28.34
C SER A 423 -14.46 12.53 27.76
N THR A 424 -15.68 12.08 27.52
CA THR A 424 -15.90 10.70 27.09
C THR A 424 -16.58 10.53 25.76
N ILE A 425 -15.93 9.83 24.84
CA ILE A 425 -16.56 9.56 23.54
C ILE A 425 -16.55 8.09 23.14
N VAL A 426 -17.69 7.62 22.66
CA VAL A 426 -17.78 6.24 22.23
C VAL A 426 -18.38 6.18 20.83
N THR A 427 -17.73 5.36 20.02
CA THR A 427 -18.17 5.22 18.65
C THR A 427 -18.42 3.77 18.26
N PRO A 428 -19.65 3.30 18.45
CA PRO A 428 -19.88 1.91 18.07
C PRO A 428 -20.31 1.86 16.59
N GLY A 429 -20.01 0.74 15.93
CA GLY A 429 -20.44 0.57 14.56
C GLY A 429 -20.61 -0.90 14.16
N LEU A 430 -21.31 -1.08 13.05
CA LEU A 430 -21.55 -2.42 12.52
C LEU A 430 -21.66 -2.31 11.03
N ARG A 431 -20.97 -3.19 10.35
CA ARG A 431 -21.04 -3.22 8.90
C ARG A 431 -21.47 -4.65 8.53
N PHE A 432 -22.39 -4.70 7.55
CA PHE A 432 -22.92 -5.92 6.97
C PHE A 432 -22.48 -6.03 5.52
N ASP A 433 -21.90 -7.16 5.18
CA ASP A 433 -21.49 -7.37 3.80
C ASP A 433 -22.01 -8.71 3.25
N HIS A 434 -22.54 -8.66 2.04
CA HIS A 434 -22.99 -9.89 1.42
C HIS A 434 -22.16 -10.06 0.17
N HIS A 435 -21.34 -11.08 0.14
CA HIS A 435 -20.53 -11.31 -1.06
C HIS A 435 -21.24 -12.42 -1.92
N SER A 436 -21.40 -12.17 -3.22
CA SER A 436 -22.11 -13.09 -4.11
C SER A 436 -21.60 -14.52 -4.14
N ILE A 437 -20.31 -14.74 -3.97
CA ILE A 437 -19.83 -16.09 -3.96
C ILE A 437 -19.66 -16.58 -2.55
N VAL A 438 -19.17 -15.70 -1.68
CA VAL A 438 -18.86 -16.11 -0.31
C VAL A 438 -19.87 -15.94 0.78
N GLY A 439 -20.92 -15.18 0.57
CA GLY A 439 -21.88 -15.08 1.64
C GLY A 439 -21.81 -13.84 2.49
N ASN A 440 -22.40 -13.96 3.68
CA ASN A 440 -22.52 -12.90 4.63
C ASN A 440 -21.33 -12.75 5.59
N ASN A 441 -21.08 -11.49 5.99
CA ASN A 441 -20.02 -11.12 6.93
C ASN A 441 -20.54 -10.05 7.88
N TRP A 442 -20.30 -10.22 9.17
CA TRP A 442 -20.73 -9.14 10.05
C TRP A 442 -19.50 -8.51 10.65
N SER A 443 -19.34 -7.20 10.53
CA SER A 443 -18.16 -6.50 11.08
C SER A 443 -18.49 -5.41 12.11
N PRO A 444 -18.39 -5.74 13.38
CA PRO A 444 -18.64 -4.84 14.51
C PRO A 444 -17.37 -4.01 14.80
N ALA A 445 -17.58 -2.80 15.27
CA ALA A 445 -16.43 -2.01 15.69
C ALA A 445 -16.79 -1.13 16.90
N LEU A 446 -15.80 -0.84 17.74
CA LEU A 446 -16.00 0.08 18.86
C LEU A 446 -14.67 0.79 19.19
N ASN A 447 -14.70 2.11 19.11
CA ASN A 447 -13.55 2.93 19.49
C ASN A 447 -14.06 3.85 20.59
N ILE A 448 -13.24 3.98 21.64
CA ILE A 448 -13.50 4.80 22.84
C ILE A 448 -12.37 5.84 23.05
N SER A 449 -12.72 7.02 23.55
CA SER A 449 -11.75 8.07 23.86
C SER A 449 -12.12 8.70 25.21
N GLN A 450 -11.16 8.68 26.13
CA GLN A 450 -11.43 9.21 27.46
C GLN A 450 -10.35 10.14 27.94
N GLY A 451 -10.73 11.39 28.14
CA GLY A 451 -9.79 12.36 28.68
C GLY A 451 -9.43 12.02 30.13
N LEU A 452 -8.15 12.12 30.47
CA LEU A 452 -7.71 11.80 31.82
C LEU A 452 -7.14 13.04 32.57
N GLY A 453 -7.36 14.23 32.03
CA GLY A 453 -6.83 15.44 32.63
C GLY A 453 -5.38 15.65 32.23
N ASP A 454 -4.87 16.85 32.49
CA ASP A 454 -3.47 17.23 32.24
C ASP A 454 -3.02 16.97 30.80
N ASP A 455 -3.96 17.13 29.88
CA ASP A 455 -3.72 16.90 28.46
C ASP A 455 -3.29 15.46 28.11
N PHE A 456 -3.73 14.51 28.94
CA PHE A 456 -3.53 13.07 28.73
C PHE A 456 -4.82 12.42 28.23
N THR A 457 -4.73 11.41 27.36
CA THR A 457 -5.95 10.75 26.87
C THR A 457 -5.74 9.25 26.83
N LEU A 458 -6.80 8.48 27.04
CA LEU A 458 -6.73 7.04 26.98
C LEU A 458 -7.62 6.71 25.76
N LYS A 459 -7.14 5.86 24.86
CA LYS A 459 -7.94 5.49 23.67
C LYS A 459 -7.87 4.04 23.34
N GLY A 461 -9.60 0.75 20.84
CA GLY A 461 -10.48 0.33 19.78
C GLY A 461 -10.37 -1.13 19.53
N ILE A 462 -11.46 -1.67 18.97
CA ILE A 462 -11.50 -3.02 18.60
C ILE A 462 -12.48 -3.13 17.41
N ALA A 463 -12.08 -3.86 16.37
CA ALA A 463 -12.97 -3.98 15.22
C ALA A 463 -12.70 -5.22 14.44
N ARG A 464 -13.71 -5.71 13.76
CA ARG A 464 -13.51 -6.90 12.96
C ARG A 464 -13.31 -6.49 11.52
N ALA A 465 -12.14 -6.76 10.97
CA ALA A 465 -11.88 -6.42 9.57
C ALA A 465 -12.42 -7.56 8.67
N TYR A 466 -12.49 -7.24 7.38
CA TYR A 466 -12.99 -8.11 6.34
C TYR A 466 -12.22 -8.02 5.00
N LYS A 467 -11.80 -9.16 4.48
CA LYS A 467 -11.20 -9.15 3.17
C LYS A 467 -11.73 -10.35 2.36
N ALA A 468 -12.47 -10.04 1.30
CA ALA A 468 -13.03 -11.10 0.41
C ALA A 468 -11.94 -11.64 -0.52
N PRO A 469 -11.96 -12.95 -0.86
CA PRO A 469 -10.97 -13.54 -1.78
C PRO A 469 -11.17 -12.90 -3.17
N SER A 470 -10.14 -13.01 -4.02
CA SER A 470 -10.16 -12.47 -5.39
C SER A 470 -10.95 -13.33 -6.44
N LEU A 471 -11.23 -12.76 -7.60
CA LEU A 471 -11.91 -13.52 -8.63
C LEU A 471 -11.09 -14.79 -8.91
N TYR A 472 -9.77 -14.67 -8.82
CA TYR A 472 -8.88 -15.78 -9.06
C TYR A 472 -8.95 -16.94 -8.11
N GLN A 473 -8.91 -16.59 -6.82
CA GLN A 473 -8.88 -17.56 -5.74
C GLN A 473 -10.18 -18.32 -5.57
N THR A 474 -11.26 -17.81 -6.13
CA THR A 474 -12.54 -18.50 -5.99
C THR A 474 -12.95 -19.20 -7.29
N ASN A 475 -12.01 -19.22 -8.24
CA ASN A 475 -12.26 -19.86 -9.53
C ASN A 475 -11.53 -21.19 -9.71
N PRO A 476 -12.30 -22.28 -9.84
CA PRO A 476 -11.72 -23.61 -10.02
C PRO A 476 -10.91 -23.61 -11.34
N ASN A 477 -11.30 -22.78 -12.29
CA ASN A 477 -10.61 -22.68 -13.58
C ASN A 477 -9.27 -22.02 -13.57
N TYR A 478 -8.97 -21.26 -12.50
CA TYR A 478 -7.68 -20.60 -12.42
C TYR A 478 -6.71 -21.57 -11.80
N ILE A 479 -5.74 -22.00 -12.62
CA ILE A 479 -4.76 -22.97 -12.19
C ILE A 479 -3.34 -22.43 -12.31
N LEU A 480 -2.43 -23.06 -11.59
CA LEU A 480 -1.02 -22.65 -11.60
C LEU A 480 -0.21 -23.92 -11.46
N TYR A 481 0.85 -24.02 -12.22
CA TYR A 481 1.66 -25.22 -12.10
C TYR A 481 2.99 -24.82 -11.51
N SER A 482 3.62 -25.75 -10.80
CA SER A 482 4.95 -25.49 -10.25
C SER A 482 5.68 -26.80 -10.48
N LYS A 483 6.84 -26.75 -11.13
CA LYS A 483 7.57 -28.00 -11.36
C LYS A 483 7.77 -28.57 -9.95
N GLY A 484 6.99 -29.62 -9.63
CA GLY A 484 7.01 -30.29 -8.33
C GLY A 484 5.92 -31.36 -8.07
N GLN A 485 6.32 -32.40 -7.32
CA GLN A 485 5.47 -33.52 -6.91
C GLN A 485 6.24 -34.81 -6.52
N GLY A 493 3.45 -29.48 -3.61
CA GLY A 493 3.04 -28.39 -4.54
C GLY A 493 3.22 -28.82 -6.01
N CYS A 494 2.14 -29.07 -6.76
CA CYS A 494 2.26 -29.44 -8.20
C CYS A 494 1.31 -28.55 -9.01
N TYR A 495 0.03 -28.75 -8.80
CA TYR A 495 -0.97 -27.88 -9.43
C TYR A 495 -1.72 -27.21 -8.28
N LEU A 496 -2.16 -25.98 -8.54
CA LEU A 496 -2.91 -25.17 -7.56
C LEU A 496 -4.10 -24.55 -8.29
N GLN A 497 -5.31 -24.82 -7.83
CA GLN A 497 -6.49 -24.22 -8.47
C GLN A 497 -7.38 -23.43 -7.50
N GLY A 498 -8.31 -22.66 -8.08
CA GLY A 498 -9.24 -21.88 -7.32
C GLY A 498 -9.98 -22.76 -6.34
N ASN A 499 -10.96 -22.20 -5.64
CA ASN A 499 -11.74 -22.92 -4.64
C ASN A 499 -12.99 -22.11 -4.33
N ASP A 500 -14.10 -22.43 -4.96
CA ASP A 500 -15.31 -21.66 -4.71
C ASP A 500 -15.88 -21.82 -3.29
N ASP A 501 -15.27 -22.63 -2.45
CA ASP A 501 -15.79 -22.73 -1.09
C ASP A 501 -14.94 -21.99 -0.05
N LEU A 502 -14.04 -21.11 -0.50
CA LEU A 502 -13.18 -20.31 0.40
C LEU A 502 -13.93 -19.38 1.37
N LYS A 503 -13.52 -19.28 2.62
CA LYS A 503 -14.16 -18.30 3.52
C LYS A 503 -13.51 -16.92 3.31
N ALA A 504 -14.18 -15.83 3.71
CA ALA A 504 -13.50 -14.52 3.58
C ALA A 504 -12.45 -14.43 4.68
N GLU A 505 -11.46 -13.59 4.49
CA GLU A 505 -10.50 -13.46 5.58
C GLU A 505 -11.18 -12.52 6.54
N THR A 506 -10.87 -12.73 7.80
CA THR A 506 -11.43 -11.91 8.83
C THR A 506 -10.32 -11.49 9.86
N SER A 507 -10.51 -10.39 10.57
CA SER A 507 -9.48 -10.04 11.56
C SER A 507 -9.96 -9.21 12.75
N ILE A 508 -9.75 -9.69 13.97
CA ILE A 508 -10.12 -8.91 15.14
C ILE A 508 -8.91 -8.04 15.45
N ASN A 509 -9.05 -6.76 15.14
CA ASN A 509 -7.94 -5.85 15.37
C ASN A 509 -8.17 -4.96 16.60
N LYS A 510 -7.16 -4.84 17.44
CA LYS A 510 -7.29 -4.09 18.69
C LYS A 510 -6.16 -3.15 18.92
N GLU A 511 -6.40 -2.07 19.66
CA GLU A 511 -5.36 -1.15 20.11
C GLU A 511 -5.80 -0.34 21.36
N ILE A 512 -4.82 -0.08 22.22
CA ILE A 512 -5.01 0.72 23.41
C ILE A 512 -3.85 1.69 23.34
N GLY A 513 -4.16 2.95 23.49
CA GLY A 513 -3.13 3.96 23.44
C GLY A 513 -3.30 5.02 24.51
N LEU A 514 -2.15 5.55 24.94
CA LEU A 514 -2.04 6.63 25.90
C LEU A 514 -1.28 7.73 25.21
N GLU A 515 -1.84 8.93 25.29
CA GLU A 515 -1.21 10.04 24.65
C GLU A 515 -1.31 11.35 25.44
N PHE A 516 -0.16 11.98 25.57
CA PHE A 516 -0.03 13.27 26.20
C PHE A 516 0.10 14.26 25.06
N LYS A 517 -0.64 15.37 25.10
CA LYS A 517 -0.53 16.30 24.00
C LYS A 517 -0.76 17.81 24.27
N ARG A 518 0.20 18.65 23.87
CA ARG A 518 0.03 20.12 23.97
C ARG A 518 1.14 21.08 23.64
N ASP A 519 0.74 22.19 23.03
CA ASP A 519 1.69 23.24 22.70
C ASP A 519 2.82 22.72 21.85
N GLY A 520 2.55 21.72 21.03
CA GLY A 520 3.63 21.22 20.19
C GLY A 520 4.32 20.03 20.82
N TRP A 521 3.89 19.66 22.03
CA TRP A 521 4.43 18.51 22.72
C TRP A 521 3.55 17.30 22.47
N LEU A 522 4.19 16.18 22.15
CA LEU A 522 3.42 15.00 22.01
C LEU A 522 4.22 13.80 22.40
N ALA A 523 3.59 12.98 23.21
CA ALA A 523 4.19 11.76 23.68
C ALA A 523 3.10 10.67 23.71
N GLY A 524 3.37 9.55 23.07
CA GLY A 524 2.37 8.49 23.09
C GLY A 524 2.93 7.09 22.97
N VAL A 525 2.20 6.20 23.62
CA VAL A 525 2.51 4.81 23.55
C VAL A 525 1.20 4.05 23.13
N THR A 526 1.36 3.10 22.22
CA THR A 526 0.21 2.33 21.73
C THR A 526 0.56 0.87 21.64
N TRP A 527 -0.39 0.05 22.06
CA TRP A 527 -0.20 -1.36 21.99
C TRP A 527 -1.26 -1.83 20.99
N PHE A 528 -0.87 -2.79 20.16
CA PHE A 528 -1.83 -3.30 19.20
C PHE A 528 -1.67 -4.78 19.03
N ARG A 529 -2.76 -5.40 18.61
CA ARG A 529 -2.78 -6.82 18.31
C ARG A 529 -3.92 -7.20 17.32
N ASN A 530 -3.57 -8.02 16.35
CA ASN A 530 -4.53 -8.50 15.38
C ASN A 530 -4.57 -10.05 15.44
N ASP A 531 -5.79 -10.59 15.56
CA ASP A 531 -5.97 -12.03 15.52
C ASP A 531 -6.61 -12.24 14.14
N TYR A 532 -5.74 -12.64 13.24
CA TYR A 532 -6.06 -12.80 11.83
C TYR A 532 -6.66 -14.17 11.58
N ARG A 533 -7.89 -14.18 11.07
CA ARG A 533 -8.58 -15.43 10.76
C ARG A 533 -8.84 -15.75 9.29
N ASN A 534 -8.51 -16.98 8.92
CA ASN A 534 -8.77 -17.51 7.57
C ASN A 534 -8.02 -16.91 6.46
N LYS A 535 -6.79 -16.55 6.74
CA LYS A 535 -5.97 -15.95 5.71
C LYS A 535 -5.94 -16.92 4.54
N ILE A 536 -6.11 -16.38 3.35
CA ILE A 536 -6.08 -17.21 2.17
C ILE A 536 -4.68 -17.42 1.63
N GLU A 537 -4.16 -18.63 1.72
CA GLU A 537 -2.84 -18.98 1.19
C GLU A 537 -2.93 -20.24 0.34
N ALA A 538 -1.82 -20.60 -0.30
CA ALA A 538 -1.84 -21.81 -1.10
C ALA A 538 -1.98 -22.91 -0.05
N GLY A 539 -2.84 -23.88 -0.37
CA GLY A 539 -3.12 -25.02 0.50
C GLY A 539 -1.97 -25.92 0.92
N TYR A 540 -2.12 -26.58 2.05
CA TYR A 540 -1.02 -27.42 2.54
C TYR A 540 -1.20 -28.90 2.28
N VAL A 541 -2.26 -29.33 1.59
CA VAL A 541 -2.43 -30.76 1.38
C VAL A 541 -3.23 -31.01 0.12
N ALA A 542 -2.77 -31.96 -0.67
CA ALA A 542 -3.48 -32.25 -1.91
C ALA A 542 -4.95 -32.58 -1.64
N VAL A 543 -5.76 -32.39 -2.69
CA VAL A 543 -7.20 -32.64 -2.68
C VAL A 543 -7.48 -33.76 -3.67
N GLY A 544 -6.40 -34.48 -4.02
CA GLY A 544 -6.49 -35.57 -4.98
C GLY A 544 -5.54 -35.30 -6.15
N GLN A 545 -5.04 -36.36 -6.79
CA GLN A 545 -4.13 -36.17 -7.92
C GLN A 545 -4.93 -35.96 -9.21
N ASN A 546 -4.28 -36.07 -10.37
CA ASN A 546 -4.99 -35.90 -11.64
C ASN A 546 -5.07 -37.24 -12.40
N ALA A 547 -5.05 -37.12 -13.73
CA ALA A 547 -5.07 -38.26 -14.65
C ALA A 547 -3.62 -38.71 -14.92
N VAL A 548 -2.73 -38.53 -13.94
CA VAL A 548 -1.34 -38.92 -14.10
C VAL A 548 -0.74 -39.19 -12.75
N GLY A 549 -1.55 -39.01 -11.71
CA GLY A 549 -1.05 -39.17 -10.37
C GLY A 549 -0.47 -37.83 -9.89
N THR A 550 -0.62 -36.79 -10.70
CA THR A 550 -0.14 -35.43 -10.37
C THR A 550 -1.09 -34.81 -9.34
N ASP A 551 -0.53 -34.39 -8.19
CA ASP A 551 -1.30 -33.80 -7.10
C ASP A 551 -1.84 -32.38 -7.31
N LEU A 552 -3.07 -32.19 -6.85
CA LEU A 552 -3.76 -30.93 -6.98
C LEU A 552 -4.03 -30.29 -5.63
N TYR A 553 -3.80 -28.99 -5.56
CA TYR A 553 -4.07 -28.24 -4.33
C TYR A 553 -5.04 -27.06 -4.60
N GLN A 554 -5.57 -26.52 -3.50
CA GLN A 554 -6.48 -25.38 -3.57
C GLN A 554 -5.93 -24.20 -2.76
N TRP A 555 -6.50 -23.03 -3.07
CA TRP A 555 -6.24 -21.82 -2.32
C TRP A 555 -7.11 -22.19 -1.13
N ASP A 556 -6.61 -21.93 0.07
CA ASP A 556 -7.38 -22.30 1.23
C ASP A 556 -7.19 -21.40 2.46
N ASN A 557 -8.07 -21.54 3.43
CA ASN A 557 -8.02 -20.76 4.65
C ASN A 557 -7.15 -21.27 5.76
N VAL A 558 -6.24 -20.39 6.19
CA VAL A 558 -5.38 -20.68 7.33
C VAL A 558 -6.26 -20.23 8.50
N PRO A 559 -6.46 -21.13 9.45
CA PRO A 559 -7.31 -20.72 10.57
C PRO A 559 -6.91 -19.49 11.35
N LYS A 560 -5.68 -19.49 11.82
CA LYS A 560 -5.23 -18.41 12.70
C LYS A 560 -3.82 -17.93 12.48
N ALA A 561 -3.65 -16.61 12.59
CA ALA A 561 -2.34 -15.96 12.54
C ALA A 561 -2.39 -14.74 13.49
N VAL A 562 -1.24 -14.28 13.96
CA VAL A 562 -1.19 -13.15 14.90
C VAL A 562 -0.06 -12.14 14.64
N VAL A 563 -0.42 -10.90 14.91
CA VAL A 563 0.55 -9.87 14.77
C VAL A 563 0.34 -9.02 16.03
N GLU A 564 1.43 -8.68 16.70
CA GLU A 564 1.30 -7.89 17.95
C GLU A 564 2.49 -7.00 18.08
N GLY A 565 2.27 -5.82 18.64
CA GLY A 565 3.39 -4.89 18.77
C GLY A 565 3.08 -3.61 19.54
N LEU A 566 4.07 -2.72 19.56
CA LEU A 566 3.98 -1.45 20.26
C LEU A 566 4.34 -0.35 19.33
N GLU A 567 3.68 0.79 19.51
CA GLU A 567 3.97 2.01 18.73
C GLU A 567 4.24 3.19 19.75
N GLY A 568 5.14 4.09 19.36
CA GLY A 568 5.45 5.23 20.18
C GLY A 568 5.68 6.47 19.32
N SER A 569 5.37 7.64 19.88
CA SER A 569 5.54 8.93 19.21
C SER A 569 6.07 9.95 20.25
N LEU A 570 6.96 10.81 19.79
CA LEU A 570 7.55 11.81 20.66
C LEU A 570 7.91 13.06 19.89
N ASN A 571 7.21 14.16 20.13
CA ASN A 571 7.53 15.41 19.47
C ASN A 571 7.94 16.47 20.47
N VAL A 572 9.09 17.07 20.20
CA VAL A 572 9.64 18.09 21.07
C VAL A 572 9.82 19.47 20.41
N PRO A 573 9.02 20.45 20.83
CA PRO A 573 9.19 21.80 20.24
C PRO A 573 10.53 22.26 20.90
N VAL A 574 11.65 21.99 20.28
CA VAL A 574 12.91 22.38 20.84
C VAL A 574 13.03 23.88 20.99
N SER A 575 12.48 24.58 20.02
CA SER A 575 12.56 26.00 19.94
C SER A 575 11.41 26.49 19.10
N GLU A 576 11.15 27.78 19.15
CA GLU A 576 10.06 28.34 18.41
C GLU A 576 10.30 28.08 16.92
N THR A 577 11.48 27.59 16.63
CA THR A 577 11.92 27.44 15.29
C THR A 577 12.53 26.07 15.00
N VAL A 578 12.58 25.25 16.02
CA VAL A 578 13.20 23.98 15.87
C VAL A 578 12.32 22.86 16.37
N TRP A 580 11.45 18.60 16.60
CA TRP A 580 12.06 17.31 16.62
C TRP A 580 10.96 16.27 16.71
N THR A 581 10.76 15.49 15.65
CA THR A 581 9.66 14.51 15.69
C THR A 581 10.20 13.13 15.56
N ASN A 582 9.62 12.21 16.31
CA ASN A 582 10.07 10.83 16.31
C ASN A 582 8.91 9.82 16.44
N ASN A 583 9.08 8.63 15.87
CA ASN A 583 8.13 7.59 16.12
C ASN A 583 9.02 6.32 16.10
N ILE A 584 8.60 5.31 16.84
CA ILE A 584 9.29 4.07 16.96
C ILE A 584 8.19 3.00 16.89
N THR A 585 8.53 1.82 16.39
CA THR A 585 7.62 0.67 16.34
C THR A 585 8.50 -0.50 16.66
N TYR A 586 7.90 -1.43 17.40
CA TYR A 586 8.58 -2.60 17.90
C TYR A 586 7.62 -3.77 17.76
N LEU A 588 6.36 -7.46 18.66
CA LEU A 588 6.33 -8.52 19.66
C LEU A 588 5.98 -9.83 18.95
N LYS A 589 5.04 -9.80 18.03
CA LYS A 589 4.69 -11.06 17.36
C LYS A 589 4.23 -10.96 15.91
N SER A 590 4.66 -11.95 15.14
CA SER A 590 4.20 -12.12 13.75
C SER A 590 4.16 -13.59 13.47
N GLU A 591 2.97 -14.16 13.37
CA GLU A 591 2.95 -15.59 13.14
C GLU A 591 1.71 -16.26 12.62
N ASN A 592 1.96 -17.13 11.66
CA ASN A 592 0.96 -17.98 11.10
C ASN A 592 0.97 -19.14 12.13
N LYS A 593 -0.13 -19.32 12.84
CA LYS A 593 -0.20 -20.37 13.85
C LYS A 593 -0.22 -21.77 13.24
N THR A 594 -0.39 -21.87 11.92
CA THR A 594 -0.41 -23.17 11.30
C THR A 594 0.99 -23.60 10.92
N THR A 595 1.84 -22.69 10.45
CA THR A 595 3.18 -23.06 10.09
C THR A 595 4.17 -22.61 11.15
N GLY A 596 3.73 -21.79 12.07
CA GLY A 596 4.64 -21.32 13.07
C GLY A 596 5.64 -20.35 12.48
N ASP A 597 5.43 -19.97 11.22
CA ASP A 597 6.34 -19.04 10.53
C ASP A 597 5.85 -17.61 10.50
N ARG A 598 6.80 -16.71 10.20
CA ARG A 598 6.61 -15.27 10.11
C ARG A 598 5.55 -14.91 9.06
N LEU A 599 4.80 -13.83 9.28
CA LEU A 599 3.82 -13.44 8.28
C LEU A 599 4.34 -12.45 7.26
N SER A 600 5.48 -11.83 7.56
CA SER A 600 6.00 -10.78 6.70
C SER A 600 7.40 -10.56 7.21
N ILE A 601 8.34 -10.21 6.35
CA ILE A 601 9.68 -10.04 6.83
C ILE A 601 9.98 -8.54 7.04
N ILE A 602 10.01 -8.08 8.28
CA ILE A 602 10.24 -6.65 8.57
C ILE A 602 11.23 -6.40 9.76
N PRO A 603 11.77 -5.18 9.88
CA PRO A 603 12.69 -4.99 11.04
C PRO A 603 11.95 -5.24 12.38
N GLU A 604 12.62 -5.87 13.32
CA GLU A 604 12.08 -6.13 14.67
C GLU A 604 11.65 -4.77 15.29
N TYR A 605 12.33 -3.67 14.90
CA TYR A 605 11.85 -2.39 15.37
C TYR A 605 12.24 -1.42 14.31
N THR A 606 11.53 -0.31 14.24
CA THR A 606 11.90 0.74 13.28
C THR A 606 11.84 2.10 14.02
N LEU A 607 12.83 2.96 13.82
CA LEU A 607 12.79 4.27 14.47
C LEU A 607 12.94 5.35 13.43
N ASN A 608 12.05 6.30 13.41
CA ASN A 608 12.16 7.38 12.43
C ASN A 608 12.23 8.67 13.15
N SER A 609 13.04 9.57 12.65
CA SER A 609 13.22 10.81 13.35
C SER A 609 13.55 11.98 12.42
N THR A 610 12.90 13.10 12.62
CA THR A 610 13.20 14.27 11.81
C THR A 610 13.49 15.47 12.77
N LEU A 611 14.47 16.27 12.37
CA LEU A 611 14.89 17.43 13.15
C LEU A 611 14.86 18.57 12.17
N SER A 612 13.92 19.49 12.32
CA SER A 612 13.82 20.62 11.42
C SER A 612 13.97 22.03 12.04
N TRP A 613 14.56 22.88 11.23
CA TRP A 613 14.88 24.22 11.58
C TRP A 613 14.30 25.25 10.64
N GLN A 614 13.43 26.09 11.16
CA GLN A 614 12.88 27.16 10.32
C GLN A 614 13.85 28.35 10.47
N ALA A 615 14.97 28.30 9.74
CA ALA A 615 16.01 29.34 9.79
C ALA A 615 15.56 30.76 9.40
N ARG A 616 14.93 30.92 8.23
CA ARG A 616 14.41 32.21 7.83
C ARG A 616 12.95 31.95 7.64
N GLU A 617 12.14 32.97 7.46
CA GLU A 617 10.74 32.64 7.28
C GLU A 617 10.49 31.94 5.94
N ASP A 618 11.42 32.10 5.01
CA ASP A 618 11.33 31.55 3.66
C ASP A 618 12.37 30.44 3.51
N LEU A 619 12.91 29.96 4.63
CA LEU A 619 13.93 28.94 4.53
C LEU A 619 13.95 27.93 5.65
N SER A 620 13.95 26.65 5.29
CA SER A 620 14.00 25.61 6.29
C SER A 620 14.99 24.57 5.87
N GLN A 622 16.28 20.34 7.11
CA GLN A 622 15.96 19.24 7.98
C GLN A 622 16.91 18.12 7.80
N THR A 623 16.99 17.29 8.81
CA THR A 623 17.85 16.15 8.75
C THR A 623 16.84 15.07 9.13
N THR A 624 17.06 13.93 8.56
CA THR A 624 16.14 12.82 8.68
C THR A 624 16.96 11.60 9.01
N PHE A 625 16.42 10.84 9.93
CA PHE A 625 17.09 9.66 10.37
C PHE A 625 16.15 8.46 10.55
N THR A 626 16.57 7.31 10.04
CA THR A 626 15.78 6.12 10.23
C THR A 626 16.71 5.02 10.69
N TRP A 627 16.23 4.22 11.62
CA TRP A 627 17.04 3.11 12.13
C TRP A 627 16.20 1.83 12.08
N TYR A 628 16.75 0.78 11.52
CA TYR A 628 16.01 -0.45 11.48
C TYR A 628 16.59 -1.51 12.33
N GLY A 629 15.71 -2.23 13.05
CA GLY A 629 16.10 -3.37 13.85
C GLY A 629 16.51 -4.49 12.90
N LYS A 630 16.76 -5.69 13.41
CA LYS A 630 17.21 -6.77 12.55
C LYS A 630 16.08 -7.39 11.72
N GLN A 631 16.46 -8.00 10.60
CA GLN A 631 15.48 -8.65 9.73
C GLN A 631 15.79 -10.13 9.61
N GLN A 632 14.91 -10.92 10.22
CA GLN A 632 14.95 -12.37 10.23
C GLN A 632 14.04 -12.99 9.19
N PRO A 633 14.56 -13.95 8.41
CA PRO A 633 13.72 -14.59 7.38
C PRO A 633 12.86 -15.73 7.90
N LYS A 634 12.22 -16.42 6.99
CA LYS A 634 11.40 -17.55 7.36
C LYS A 634 12.19 -18.59 8.12
N LYS A 635 11.45 -19.27 9.01
CA LYS A 635 12.00 -20.36 9.80
C LYS A 635 11.94 -21.72 9.08
N TYR A 636 10.94 -21.94 8.24
CA TYR A 636 10.78 -23.21 7.57
C TYR A 636 10.74 -23.09 6.05
N ASN A 637 11.20 -24.11 5.35
CA ASN A 637 11.18 -24.05 3.90
C ASN A 637 9.85 -24.54 3.37
N TYR A 638 9.78 -24.69 2.05
CA TYR A 638 8.53 -25.12 1.45
C TYR A 638 8.01 -26.47 1.97
N LYS A 639 8.90 -27.37 2.38
CA LYS A 639 8.43 -28.65 2.88
C LYS A 639 8.47 -28.67 4.39
N GLY A 640 8.13 -27.54 4.98
CA GLY A 640 8.11 -27.42 6.41
C GLY A 640 9.35 -27.73 7.18
N GLN A 641 10.52 -27.80 6.55
CA GLN A 641 11.71 -28.15 7.32
C GLN A 641 12.43 -26.90 7.73
N PRO A 642 13.17 -26.96 8.83
CA PRO A 642 13.89 -25.76 9.27
C PRO A 642 14.74 -25.19 8.17
N ALA A 643 14.86 -23.86 8.15
CA ALA A 643 15.72 -23.21 7.17
C ALA A 643 17.13 -23.65 7.55
N VAL A 644 18.00 -23.92 6.56
CA VAL A 644 19.34 -24.36 6.88
C VAL A 644 20.43 -23.47 6.31
N GLY A 645 21.41 -23.16 7.15
CA GLY A 645 22.56 -22.37 6.73
C GLY A 645 22.31 -21.01 6.09
N PRO A 646 22.55 -20.86 4.78
CA PRO A 646 22.34 -19.59 4.08
C PRO A 646 20.90 -19.08 4.15
N GLU A 647 19.94 -20.00 4.03
CA GLU A 647 18.53 -19.67 4.11
C GLU A 647 18.25 -18.90 5.44
N THR A 648 19.12 -19.02 6.42
CA THR A 648 18.87 -18.34 7.68
C THR A 648 19.53 -17.00 7.90
N LYS A 649 20.25 -16.45 6.93
CA LYS A 649 20.95 -15.17 7.11
C LYS A 649 20.03 -13.99 7.42
N GLU A 650 20.42 -13.19 8.41
CA GLU A 650 19.67 -12.03 8.85
C GLU A 650 20.38 -10.75 8.50
N ILE A 651 19.65 -9.65 8.32
CA ILE A 651 20.27 -8.36 8.05
C ILE A 651 20.41 -7.70 9.47
N SER A 652 21.59 -7.20 9.79
CA SER A 652 21.77 -6.55 11.12
C SER A 652 21.13 -5.18 11.13
N PRO A 653 20.88 -4.64 12.33
CA PRO A 653 20.30 -3.30 12.34
C PRO A 653 21.12 -2.34 11.45
N TYR A 654 20.49 -1.35 10.80
CA TYR A 654 21.25 -0.38 10.04
C TYR A 654 20.43 0.91 10.06
N SER A 655 21.01 2.01 9.60
CA SER A 655 20.37 3.31 9.62
C SER A 655 20.76 4.08 8.37
N ILE A 656 19.90 5.02 8.00
CA ILE A 656 20.04 5.86 6.85
C ILE A 656 19.72 7.29 7.21
N VAL A 657 20.54 8.23 6.75
CA VAL A 657 20.29 9.60 7.10
C VAL A 657 20.12 10.44 5.88
N GLY A 658 19.33 11.49 5.98
CA GLY A 658 19.23 12.41 4.86
C GLY A 658 19.20 13.87 5.38
N LEU A 659 19.50 14.80 4.48
CA LEU A 659 19.49 16.19 4.79
C LEU A 659 18.83 16.83 3.61
N SER A 660 18.03 17.87 3.85
CA SER A 660 17.45 18.60 2.73
C SER A 660 17.08 20.03 3.13
N ALA A 661 16.95 20.88 2.14
CA ALA A 661 16.58 22.26 2.41
C ALA A 661 15.55 22.74 1.43
N THR A 662 14.66 23.59 1.91
CA THR A 662 13.65 24.18 1.04
C THR A 662 13.66 25.70 1.18
N TRP A 663 13.78 26.35 0.04
CA TRP A 663 13.79 27.78 -0.01
C TRP A 663 12.71 28.31 -0.89
N ASP A 664 11.75 28.98 -0.31
CA ASP A 664 10.66 29.60 -1.06
C ASP A 664 11.20 30.96 -1.55
N VAL A 665 11.75 30.97 -2.75
CA VAL A 665 12.30 32.20 -3.27
C VAL A 665 11.24 33.29 -3.42
N THR A 666 10.06 32.96 -3.93
CA THR A 666 9.03 33.98 -3.98
C THR A 666 7.80 33.24 -3.49
N LYS A 667 6.65 33.88 -3.46
CA LYS A 667 5.52 33.11 -3.04
C LYS A 667 5.08 32.32 -4.29
N ASN A 668 5.93 32.26 -5.31
CA ASN A 668 5.56 31.55 -6.50
C ASN A 668 6.59 30.50 -6.88
N VAL A 669 7.78 30.63 -6.31
CA VAL A 669 8.79 29.71 -6.67
C VAL A 669 9.43 29.03 -5.47
N SER A 670 9.45 27.71 -5.49
CA SER A 670 10.12 26.96 -4.43
C SER A 670 11.19 26.06 -4.96
N LEU A 671 12.32 26.04 -4.28
CA LEU A 671 13.37 25.13 -4.66
C LEU A 671 13.67 24.27 -3.43
N THR A 672 13.87 22.96 -3.68
CA THR A 672 14.21 21.99 -2.64
C THR A 672 15.39 21.13 -3.14
N GLY A 673 16.40 20.93 -2.29
CA GLY A 673 17.59 20.15 -2.63
C GLY A 673 17.83 19.28 -1.40
N GLY A 674 18.47 18.11 -1.58
CA GLY A 674 18.69 17.25 -0.45
C GLY A 674 19.57 16.14 -0.92
N VAL A 675 19.81 15.20 -0.03
CA VAL A 675 20.61 14.06 -0.37
C VAL A 675 20.04 12.94 0.51
N ASP A 676 19.74 11.78 -0.08
CA ASP A 676 19.25 10.66 0.71
C ASP A 676 20.41 9.75 0.85
N ASN A 677 20.43 9.04 1.96
CA ASN A 677 21.52 8.12 2.29
C ASN A 677 22.94 8.82 2.32
N LEU A 678 22.98 9.87 3.16
CA LEU A 678 24.16 10.70 3.48
C LEU A 678 25.41 9.85 3.68
N PHE A 679 25.31 8.79 4.48
CA PHE A 679 26.47 7.91 4.68
C PHE A 679 26.63 6.72 3.72
N ASP A 680 25.87 6.73 2.61
CA ASP A 680 25.98 5.68 1.57
C ASP A 680 25.96 4.23 2.07
N LYS A 681 25.10 3.94 3.02
CA LYS A 681 24.99 2.58 3.52
C LYS A 681 24.20 1.78 2.47
N ARG A 682 24.73 0.67 1.96
CA ARG A 682 23.99 0.00 0.92
C ARG A 682 23.64 -1.46 1.15
N LEU A 683 22.62 -1.94 0.46
CA LEU A 683 22.31 -3.36 0.51
C LEU A 683 22.04 -3.86 -0.89
N TRP A 684 22.35 -5.14 -1.10
CA TRP A 684 22.21 -5.80 -2.38
C TRP A 684 21.37 -7.08 -2.26
N ARG A 685 20.48 -7.32 -3.21
CA ARG A 685 19.74 -8.56 -3.21
C ARG A 685 20.70 -9.69 -3.61
N ALA A 686 20.55 -10.80 -2.91
CA ALA A 686 21.39 -11.96 -3.19
C ALA A 686 20.57 -13.12 -3.81
N GLY A 687 19.27 -12.95 -3.89
CA GLY A 687 18.39 -13.95 -4.49
C GLY A 687 17.19 -14.13 -3.61
N ASN A 688 16.46 -15.20 -3.83
CA ASN A 688 15.35 -15.45 -2.95
C ASN A 688 15.85 -15.89 -1.56
N ALA A 689 14.94 -15.86 -0.61
CA ALA A 689 15.29 -16.20 0.74
C ALA A 689 15.78 -17.63 0.87
N GLN A 690 15.14 -18.57 0.16
CA GLN A 690 15.57 -19.95 0.32
C GLN A 690 16.30 -20.63 -0.82
N THR A 691 16.99 -21.72 -0.49
CA THR A 691 17.81 -22.46 -1.45
C THR A 691 17.10 -23.23 -2.54
N THR A 692 17.52 -23.06 -3.78
CA THR A 692 16.88 -23.83 -4.81
C THR A 692 17.92 -24.74 -5.39
N GLY A 693 17.57 -26.02 -5.55
CA GLY A 693 18.51 -27.01 -6.05
C GLY A 693 19.01 -27.77 -4.84
N ASP A 694 20.19 -28.38 -4.90
CA ASP A 694 20.71 -29.09 -3.75
C ASP A 694 22.14 -28.59 -3.55
N LEU A 695 22.45 -28.04 -2.39
CA LEU A 695 23.79 -27.53 -2.19
C LEU A 695 24.89 -28.51 -2.54
N ALA A 696 24.62 -29.80 -2.37
CA ALA A 696 25.62 -30.83 -2.62
C ALA A 696 25.53 -31.46 -4.02
N GLY A 697 24.59 -30.97 -4.85
CA GLY A 697 24.44 -31.46 -6.22
C GLY A 697 25.24 -30.53 -7.12
N ALA A 698 24.98 -30.52 -8.43
CA ALA A 698 25.70 -29.66 -9.39
C ALA A 698 24.92 -28.40 -9.78
N ASN A 699 23.60 -28.46 -9.53
CA ASN A 699 22.67 -27.39 -9.85
C ASN A 699 21.91 -26.83 -8.64
N TYR A 700 22.13 -25.55 -8.39
CA TYR A 700 21.51 -24.90 -7.24
C TYR A 700 21.76 -23.40 -7.06
N ILE A 701 20.85 -22.76 -6.31
CA ILE A 701 21.05 -21.39 -5.92
C ILE A 701 20.85 -21.38 -4.39
N ALA A 702 21.94 -21.08 -3.69
CA ALA A 702 21.95 -21.00 -2.24
C ALA A 702 20.98 -19.91 -1.84
N GLY A 703 20.24 -20.10 -0.76
CA GLY A 703 19.32 -19.07 -0.34
C GLY A 703 19.96 -17.78 0.15
N ALA A 704 19.20 -16.68 0.13
CA ALA A 704 19.72 -15.40 0.61
C ALA A 704 19.29 -15.05 2.04
N GLY A 705 18.31 -15.77 2.55
CA GLY A 705 17.82 -15.43 3.86
C GLY A 705 17.04 -14.14 3.65
N ALA A 706 17.39 -13.14 4.45
CA ALA A 706 16.69 -11.88 4.41
C ALA A 706 17.25 -10.86 3.44
N TYR A 707 18.34 -11.21 2.78
CA TYR A 707 18.94 -10.29 1.84
C TYR A 707 18.30 -10.39 0.50
N THR A 708 17.07 -9.91 0.45
CA THR A 708 16.32 -10.02 -0.75
C THR A 708 16.10 -8.74 -1.51
N TYR A 709 16.72 -7.63 -1.09
CA TYR A 709 16.47 -6.34 -1.78
C TYR A 709 17.65 -5.38 -1.83
N ASN A 710 17.58 -4.42 -2.73
CA ASN A 710 18.62 -3.44 -2.89
C ASN A 710 18.19 -2.16 -2.16
N GLU A 711 19.05 -1.66 -1.26
CA GLU A 711 18.83 -0.39 -0.57
C GLU A 711 19.70 0.50 -1.41
N PRO A 712 19.14 1.54 -2.02
CA PRO A 712 20.10 2.33 -2.82
C PRO A 712 21.03 3.25 -1.98
N GLY A 713 22.19 3.56 -2.56
CA GLY A 713 23.19 4.37 -1.92
C GLY A 713 22.92 5.86 -1.97
N ARG A 714 23.94 6.66 -1.64
CA ARG A 714 23.82 8.10 -1.59
C ARG A 714 23.27 8.74 -2.84
N THR A 715 22.27 9.62 -2.68
CA THR A 715 21.65 10.20 -3.85
C THR A 715 21.31 11.68 -3.68
N TRP A 716 21.63 12.47 -4.68
CA TRP A 716 21.33 13.89 -4.68
C TRP A 716 20.01 14.04 -5.43
N TYR A 717 19.26 15.09 -5.09
CA TYR A 717 18.00 15.36 -5.74
C TYR A 717 17.62 16.81 -5.71
N SER A 719 14.25 19.65 -6.60
CA SER A 719 12.85 19.89 -6.81
C SER A 719 12.56 21.34 -7.17
N VAL A 720 11.81 21.57 -8.26
CA VAL A 720 11.44 22.94 -8.59
C VAL A 720 9.93 23.04 -8.75
N ASN A 721 9.33 23.80 -7.82
CA ASN A 721 7.88 24.01 -7.74
C ASN A 721 7.52 25.45 -8.05
N THR A 722 6.63 25.60 -9.02
CA THR A 722 6.22 26.89 -9.54
C THR A 722 4.73 27.05 -9.39
N HIS A 723 4.26 28.12 -8.78
CA HIS A 723 2.82 28.15 -8.54
C HIS A 723 2.19 29.50 -8.36
N PHE A 724 0.88 29.52 -8.58
CA PHE A 724 0.08 30.71 -8.41
C PHE A 724 -1.34 30.23 -8.05
#